data_6OF0
#
_entry.id   6OF0
#
_cell.length_a   218.300
_cell.length_b   84.600
_cell.length_c   58.100
_cell.angle_alpha   90.000
_cell.angle_beta   103.900
_cell.angle_gamma   90.000
#
_symmetry.space_group_name_H-M   'C 1 2 1'
#
loop_
_entity.id
_entity.type
_entity.pdbx_description
1 polymer 'HTH-type transcriptional regulator MtrR'
2 non-polymer 'PHOSPHATE ION'
3 water water
#
_entity_poly.entity_id   1
_entity_poly.type   'polypeptide(L)'
_entity_poly.pdbx_seq_one_letter_code
;MRKTKTEALKTKEHLMLAALETFYRKGIARTSLNEIAQAAGVTRGALYWHFKNKEDLFDALFQRICDDIENCIAQDAADA
EGGSWTVFRHTLLHFFERLQSNDIHYKFHNILFLKCEHTEQNAAVIAIARKHQAIWREKITAVLTEAVENQDLADDLDKE
TAVIFIKSTLDGLIWRWFSSGESFDLGKTAPRIIGIMMDNLENHPCLRRK
;
_entity_poly.pdbx_strand_id   A,B,C,D
#
loop_
_chem_comp.id
_chem_comp.type
_chem_comp.name
_chem_comp.formula
PO4 non-polymer 'PHOSPHATE ION' 'O4 P -3'
#
# COMPACT_ATOMS: atom_id res chain seq x y z
N ALA A 8 51.54 38.17 -0.25
CA ALA A 8 50.84 38.14 1.04
C ALA A 8 49.81 37.02 1.04
N LEU A 9 49.12 36.86 -0.09
CA LEU A 9 48.21 35.73 -0.26
C LEU A 9 48.94 34.41 -0.27
N LYS A 10 50.25 34.42 -0.56
CA LYS A 10 51.01 33.17 -0.53
C LYS A 10 51.33 32.74 0.89
N THR A 11 51.41 33.69 1.83
CA THR A 11 51.63 33.31 3.22
C THR A 11 50.37 32.69 3.81
N LYS A 12 49.21 33.25 3.50
CA LYS A 12 47.95 32.67 3.95
C LYS A 12 47.75 31.28 3.34
N GLU A 13 48.11 31.12 2.06
CA GLU A 13 47.93 29.84 1.37
C GLU A 13 48.81 28.75 1.94
N HIS A 14 50.05 29.08 2.29
CA HIS A 14 50.94 28.09 2.90
C HIS A 14 50.37 27.56 4.21
N LEU A 15 49.78 28.43 5.02
CA LEU A 15 49.24 27.99 6.30
C LEU A 15 48.01 27.09 6.12
N MET A 16 47.11 27.48 5.22
CA MET A 16 45.90 26.67 5.04
C MET A 16 46.23 25.33 4.42
N LEU A 17 47.24 25.27 3.55
CA LEU A 17 47.60 23.98 2.98
C LEU A 17 48.31 23.11 4.01
N ALA A 18 49.04 23.72 4.95
CA ALA A 18 49.56 22.96 6.08
C ALA A 18 48.42 22.44 6.96
N ALA A 19 47.37 23.25 7.13
CA ALA A 19 46.20 22.77 7.86
C ALA A 19 45.53 21.62 7.13
N LEU A 20 45.38 21.75 5.81
CA LEU A 20 44.80 20.67 5.02
C LEU A 20 45.57 19.37 5.21
N GLU A 21 46.91 19.44 5.22
CA GLU A 21 47.70 18.22 5.34
C GLU A 21 47.56 17.60 6.72
N THR A 22 47.49 18.43 7.76
CA THR A 22 47.36 17.91 9.11
C THR A 22 45.97 17.35 9.35
N PHE A 23 44.93 18.07 8.91
CA PHE A 23 43.55 17.56 8.98
C PHE A 23 43.42 16.22 8.27
N TYR A 24 44.04 16.08 7.10
CA TYR A 24 43.89 14.87 6.33
C TYR A 24 44.55 13.68 7.01
N ARG A 25 45.62 13.94 7.76
CA ARG A 25 46.35 12.86 8.40
C ARG A 25 45.74 12.46 9.73
N LYS A 26 45.37 13.44 10.55
CA LYS A 26 44.91 13.18 11.92
C LYS A 26 43.41 13.37 12.11
N GLY A 27 42.70 13.98 11.17
CA GLY A 27 41.34 14.38 11.40
C GLY A 27 41.30 15.77 12.01
N ILE A 28 40.12 16.36 11.98
CA ILE A 28 40.03 17.74 12.45
C ILE A 28 40.06 17.81 13.97
N ALA A 29 39.39 16.87 14.63
CA ALA A 29 39.24 16.96 16.08
C ALA A 29 40.59 16.85 16.79
N ARG A 30 41.45 15.95 16.34
CA ARG A 30 42.73 15.70 16.98
C ARG A 30 43.83 16.63 16.48
N THR A 31 43.56 17.50 15.51
CA THR A 31 44.59 18.42 15.02
C THR A 31 44.68 19.60 15.97
N SER A 32 45.90 19.98 16.34
CA SER A 32 46.13 21.14 17.19
C SER A 32 46.75 22.26 16.37
N LEU A 33 46.57 23.49 16.87
CA LEU A 33 47.18 24.65 16.23
C LEU A 33 48.70 24.50 16.19
N ASN A 34 49.29 23.94 17.26
CA ASN A 34 50.73 23.72 17.29
C ASN A 34 51.19 22.78 16.19
N GLU A 35 50.43 21.72 15.92
CA GLU A 35 50.79 20.81 14.83
C GLU A 35 50.71 21.52 13.48
N ILE A 36 49.67 22.33 13.27
CA ILE A 36 49.56 23.08 12.02
C ILE A 36 50.75 24.02 11.86
N ALA A 37 51.04 24.79 12.92
CA ALA A 37 52.19 25.70 12.87
C ALA A 37 53.47 24.93 12.61
N GLN A 38 53.68 23.83 13.34
CA GLN A 38 54.86 22.99 13.09
C GLN A 38 54.89 22.51 11.65
N ALA A 39 53.76 22.00 11.14
CA ALA A 39 53.72 21.52 9.76
C ALA A 39 53.96 22.66 8.77
N ALA A 40 53.54 23.87 9.11
CA ALA A 40 53.79 25.02 8.24
C ALA A 40 55.20 25.56 8.39
N GLY A 41 55.97 25.10 9.37
CA GLY A 41 57.28 25.66 9.59
C GLY A 41 57.25 27.10 10.04
N VAL A 42 56.19 27.50 10.76
CA VAL A 42 56.02 28.85 11.24
C VAL A 42 55.78 28.80 12.74
N THR A 43 55.86 29.96 13.38
CA THR A 43 55.57 30.05 14.79
C THR A 43 54.07 30.09 15.02
N ARG A 44 53.66 29.73 16.24
CA ARG A 44 52.24 29.82 16.57
C ARG A 44 51.74 31.25 16.36
N GLY A 45 52.57 32.24 16.70
CA GLY A 45 52.15 33.62 16.53
C GLY A 45 51.95 33.99 15.07
N ALA A 46 52.86 33.56 14.20
CA ALA A 46 52.70 33.81 12.77
C ALA A 46 51.41 33.18 12.24
N LEU A 47 51.10 31.95 12.66
CA LEU A 47 49.84 31.33 12.27
C LEU A 47 48.65 32.15 12.75
N TYR A 48 48.68 32.55 14.02
CA TYR A 48 47.57 33.28 14.61
C TYR A 48 47.31 34.58 13.88
N TRP A 49 48.37 35.19 13.32
CA TRP A 49 48.23 36.43 12.56
C TRP A 49 47.25 36.28 11.39
N HIS A 50 47.24 35.12 10.73
CA HIS A 50 46.31 34.91 9.63
C HIS A 50 45.06 34.13 10.00
N PHE A 51 45.15 33.21 10.95
CA PHE A 51 44.02 32.35 11.30
C PHE A 51 44.02 32.15 12.80
N LYS A 52 42.95 32.61 13.46
CA LYS A 52 42.91 32.52 14.91
C LYS A 52 42.68 31.10 15.39
N ASN A 53 42.04 30.26 14.59
CA ASN A 53 41.62 28.96 15.08
C ASN A 53 41.40 28.02 13.90
N LYS A 54 41.15 26.74 14.24
CA LYS A 54 40.91 25.72 13.22
C LYS A 54 39.67 26.06 12.41
N GLU A 55 38.63 26.59 13.05
CA GLU A 55 37.43 27.02 12.35
C GLU A 55 37.78 27.92 11.17
N ASP A 56 38.68 28.87 11.39
CA ASP A 56 38.99 29.83 10.34
C ASP A 56 39.81 29.19 9.24
N LEU A 57 40.66 28.23 9.58
CA LEU A 57 41.39 27.49 8.57
C LEU A 57 40.45 26.63 7.74
N PHE A 58 39.59 25.86 8.41
CA PHE A 58 38.60 25.05 7.71
C PHE A 58 37.66 25.90 6.86
N ASP A 59 37.17 27.03 7.42
CA ASP A 59 36.30 27.91 6.65
C ASP A 59 36.99 28.42 5.39
N ALA A 60 38.26 28.79 5.52
CA ALA A 60 38.99 29.28 4.35
C ALA A 60 39.13 28.17 3.31
N LEU A 61 39.31 26.93 3.77
CA LEU A 61 39.38 25.79 2.85
C LEU A 61 38.09 25.66 2.07
N PHE A 62 36.96 25.77 2.78
CA PHE A 62 35.65 25.77 2.15
C PHE A 62 35.56 26.83 1.06
N GLN A 63 36.03 28.05 1.35
CA GLN A 63 35.95 29.14 0.38
C GLN A 63 36.81 28.86 -0.85
N ARG A 64 38.01 28.29 -0.64
CA ARG A 64 38.87 27.95 -1.78
C ARG A 64 38.23 26.90 -2.67
N ILE A 65 37.55 25.91 -2.07
CA ILE A 65 36.83 24.91 -2.85
C ILE A 65 35.72 25.57 -3.66
N CYS A 66 34.94 26.45 -3.02
CA CYS A 66 33.84 27.12 -3.71
C CYS A 66 34.34 28.10 -4.77
N ASP A 67 35.46 28.78 -4.51
CA ASP A 67 36.02 29.66 -5.52
C ASP A 67 36.46 28.90 -6.76
N ASP A 68 37.10 27.74 -6.56
CA ASP A 68 37.52 26.93 -7.71
C ASP A 68 36.31 26.49 -8.55
N ILE A 69 35.21 26.10 -7.90
CA ILE A 69 34.03 25.65 -8.64
C ILE A 69 33.40 26.81 -9.43
N GLU A 70 33.25 27.97 -8.79
CA GLU A 70 32.58 29.08 -9.46
C GLU A 70 33.47 29.70 -10.54
N ASN A 71 34.79 29.64 -10.37
CA ASN A 71 35.68 30.14 -11.40
C ASN A 71 35.76 29.23 -12.62
N CYS A 72 35.02 28.11 -12.64
CA CYS A 72 34.90 27.28 -13.84
C CYS A 72 33.53 27.47 -14.49
N GLY A 83 21.56 26.02 -21.81
CA GLY A 83 22.02 27.18 -21.08
C GLY A 83 22.30 26.91 -19.61
N SER A 84 21.40 27.37 -18.74
CA SER A 84 21.64 27.29 -17.31
C SER A 84 21.56 25.85 -16.80
N TRP A 85 20.60 25.08 -17.30
CA TRP A 85 20.47 23.68 -16.89
C TRP A 85 21.65 22.84 -17.40
N THR A 86 22.18 23.18 -18.59
CA THR A 86 23.34 22.46 -19.12
C THR A 86 24.62 22.81 -18.35
N VAL A 87 24.77 24.08 -17.95
CA VAL A 87 25.93 24.46 -17.15
C VAL A 87 25.92 23.70 -15.84
N PHE A 88 24.75 23.54 -15.23
CA PHE A 88 24.65 22.79 -13.98
C PHE A 88 25.14 21.36 -14.16
N ARG A 89 24.70 20.71 -15.25
CA ARG A 89 25.18 19.36 -15.56
C ARG A 89 26.70 19.34 -15.71
N HIS A 90 27.25 20.28 -16.48
CA HIS A 90 28.70 20.35 -16.61
C HIS A 90 29.38 20.56 -15.25
N THR A 91 28.79 21.39 -14.40
CA THR A 91 29.37 21.67 -13.08
C THR A 91 29.42 20.40 -12.23
N LEU A 92 28.37 19.59 -12.26
CA LEU A 92 28.37 18.36 -11.48
C LEU A 92 29.43 17.40 -12.01
N LEU A 93 29.52 17.25 -13.34
CA LEU A 93 30.54 16.38 -13.93
C LEU A 93 31.95 16.83 -13.58
N HIS A 94 32.23 18.13 -13.70
CA HIS A 94 33.57 18.62 -13.37
C HIS A 94 33.89 18.41 -11.90
N PHE A 95 32.88 18.53 -11.04
CA PHE A 95 33.09 18.34 -9.60
C PHE A 95 33.68 16.96 -9.31
N PHE A 96 33.12 15.90 -9.90
CA PHE A 96 33.60 14.55 -9.59
C PHE A 96 34.91 14.23 -10.30
N GLU A 97 35.15 14.81 -11.48
CA GLU A 97 36.46 14.72 -12.11
C GLU A 97 37.53 15.35 -11.23
N ARG A 98 37.23 16.53 -10.67
CA ARG A 98 38.21 17.24 -9.86
C ARG A 98 38.49 16.52 -8.55
N LEU A 99 37.50 15.80 -8.02
CA LEU A 99 37.69 14.97 -6.84
C LEU A 99 38.77 13.91 -7.06
N GLN A 100 38.98 13.50 -8.31
CA GLN A 100 39.99 12.50 -8.65
C GLN A 100 41.31 13.09 -9.10
N SER A 101 41.32 14.35 -9.55
CA SER A 101 42.52 14.94 -10.13
C SER A 101 43.12 16.07 -9.31
N ASN A 102 42.37 16.66 -8.40
CA ASN A 102 42.82 17.82 -7.64
C ASN A 102 43.04 17.37 -6.21
N ASP A 103 44.31 17.40 -5.75
CA ASP A 103 44.64 16.89 -4.43
C ASP A 103 43.95 17.68 -3.33
N ILE A 104 43.77 18.98 -3.52
CA ILE A 104 43.11 19.79 -2.50
C ILE A 104 41.63 19.44 -2.41
N HIS A 105 40.98 19.26 -3.56
CA HIS A 105 39.57 18.90 -3.53
C HIS A 105 39.39 17.47 -3.03
N TYR A 106 40.29 16.56 -3.42
CA TYR A 106 40.23 15.21 -2.89
C TYR A 106 40.35 15.21 -1.37
N LYS A 107 41.39 15.86 -0.84
CA LYS A 107 41.64 15.79 0.60
C LYS A 107 40.59 16.54 1.39
N PHE A 108 40.15 17.70 0.91
CA PHE A 108 39.14 18.47 1.63
C PHE A 108 37.86 17.67 1.79
N HIS A 109 37.37 17.07 0.69
CA HIS A 109 36.13 16.34 0.81
C HIS A 109 36.31 15.04 1.57
N ASN A 110 37.49 14.42 1.47
CA ASN A 110 37.80 13.27 2.30
C ASN A 110 37.71 13.63 3.78
N ILE A 111 38.28 14.79 4.16
CA ILE A 111 38.18 15.27 5.54
C ILE A 111 36.73 15.51 5.92
N LEU A 112 36.00 16.23 5.09
CA LEU A 112 34.62 16.60 5.43
C LEU A 112 33.76 15.36 5.66
N PHE A 113 33.89 14.36 4.82
CA PHE A 113 33.02 13.20 4.91
C PHE A 113 33.54 12.15 5.89
N LEU A 114 34.87 11.99 6.03
CA LEU A 114 35.42 10.86 6.77
C LEU A 114 36.27 11.22 7.99
N LYS A 115 36.66 12.48 8.16
CA LYS A 115 37.61 12.79 9.22
C LYS A 115 37.18 14.03 9.97
N CYS A 116 35.87 14.17 10.18
CA CYS A 116 35.36 15.41 10.76
C CYS A 116 34.11 15.02 11.55
N GLU A 117 34.34 14.51 12.76
CA GLU A 117 33.28 13.89 13.54
C GLU A 117 32.39 14.96 14.17
N HIS A 118 31.10 14.63 14.28
CA HIS A 118 30.09 15.59 14.78
C HIS A 118 29.94 15.43 16.29
N THR A 119 31.00 15.79 16.99
CA THR A 119 31.02 15.81 18.44
C THR A 119 30.99 17.25 18.95
N GLU A 120 30.75 17.40 20.25
CA GLU A 120 30.77 18.73 20.85
C GLU A 120 32.13 19.39 20.70
N GLN A 121 33.21 18.59 20.70
CA GLN A 121 34.56 19.14 20.55
C GLN A 121 34.74 19.83 19.20
N ASN A 122 34.09 19.33 18.14
CA ASN A 122 34.19 19.92 16.81
C ASN A 122 33.04 20.86 16.51
N ALA A 123 32.31 21.31 17.53
CA ALA A 123 31.06 22.03 17.30
C ALA A 123 31.27 23.26 16.42
N ALA A 124 32.38 23.96 16.61
CA ALA A 124 32.56 25.20 15.86
C ALA A 124 32.96 24.91 14.42
N VAL A 125 33.77 23.88 14.21
CA VAL A 125 34.04 23.40 12.85
C VAL A 125 32.76 22.95 12.16
N ILE A 126 31.89 22.24 12.90
CA ILE A 126 30.62 21.76 12.32
C ILE A 126 29.73 22.94 11.95
N ALA A 127 29.75 24.00 12.76
CA ALA A 127 28.98 25.20 12.45
C ALA A 127 29.42 25.80 11.13
N ILE A 128 30.73 25.81 10.86
CA ILE A 128 31.20 26.30 9.57
C ILE A 128 30.68 25.43 8.44
N ALA A 129 30.79 24.11 8.59
CA ALA A 129 30.28 23.20 7.57
C ALA A 129 28.80 23.44 7.32
N ARG A 130 28.02 23.62 8.40
CA ARG A 130 26.59 23.87 8.25
C ARG A 130 26.34 25.17 7.50
N LYS A 131 27.17 26.19 7.70
CA LYS A 131 26.99 27.45 6.97
C LYS A 131 27.17 27.22 5.48
N HIS A 132 28.14 26.39 5.10
CA HIS A 132 28.35 26.12 3.69
C HIS A 132 27.28 25.20 3.11
N GLN A 133 26.66 24.33 3.91
CA GLN A 133 25.53 23.55 3.41
C GLN A 133 24.36 24.46 3.03
N ALA A 134 24.08 25.48 3.87
CA ALA A 134 23.03 26.43 3.56
C ALA A 134 23.32 27.17 2.27
N ILE A 135 24.59 27.48 2.01
CA ILE A 135 24.98 28.16 0.78
C ILE A 135 24.77 27.25 -0.43
N TRP A 136 25.22 26.00 -0.35
CA TRP A 136 24.95 25.07 -1.45
C TRP A 136 23.45 24.95 -1.67
N ARG A 137 22.67 24.90 -0.59
CA ARG A 137 21.23 24.83 -0.71
C ARG A 137 20.67 26.01 -1.51
N GLU A 138 21.10 27.23 -1.18
CA GLU A 138 20.62 28.41 -1.90
C GLU A 138 21.05 28.38 -3.36
N LYS A 139 22.27 27.90 -3.64
CA LYS A 139 22.72 27.88 -5.03
C LYS A 139 21.96 26.83 -5.84
N ILE A 140 21.66 25.68 -5.24
CA ILE A 140 20.86 24.68 -5.96
C ILE A 140 19.43 25.19 -6.15
N THR A 141 18.86 25.84 -5.14
CA THR A 141 17.50 26.36 -5.26
C THR A 141 17.38 27.39 -6.37
N ALA A 142 18.40 28.24 -6.53
CA ALA A 142 18.38 29.21 -7.63
C ALA A 142 18.53 28.50 -8.97
N VAL A 143 19.37 27.46 -9.06
CA VAL A 143 19.48 26.72 -10.31
C VAL A 143 18.13 26.13 -10.69
N LEU A 144 17.43 25.57 -9.71
CA LEU A 144 16.13 24.96 -9.98
C LEU A 144 15.12 26.02 -10.40
N THR A 145 15.16 27.18 -9.75
CA THR A 145 14.25 28.25 -10.10
C THR A 145 14.46 28.68 -11.55
N GLU A 146 15.72 28.87 -11.97
CA GLU A 146 15.98 29.24 -13.35
C GLU A 146 15.51 28.14 -14.31
N ALA A 147 15.70 26.88 -13.92
CA ALA A 147 15.29 25.79 -14.80
C ALA A 147 13.77 25.72 -14.95
N VAL A 148 13.04 26.07 -13.90
CA VAL A 148 11.57 26.04 -13.97
C VAL A 148 11.06 27.17 -14.88
N GLU A 149 11.57 28.39 -14.70
CA GLU A 149 11.12 29.49 -15.55
C GLU A 149 11.54 29.27 -16.99
N ASN A 150 12.62 28.52 -17.22
CA ASN A 150 13.07 28.24 -18.57
C ASN A 150 12.47 26.96 -19.14
N GLN A 151 11.52 26.35 -18.44
CA GLN A 151 10.82 25.14 -18.89
C GLN A 151 11.73 23.93 -19.02
N ASP A 152 12.91 23.99 -18.40
CA ASP A 152 13.73 22.80 -18.30
C ASP A 152 13.19 21.83 -17.25
N LEU A 153 12.41 22.33 -16.28
CA LEU A 153 11.76 21.54 -15.26
C LEU A 153 10.29 21.93 -15.15
N ALA A 154 9.47 20.99 -14.70
CA ALA A 154 8.03 21.18 -14.62
C ALA A 154 7.64 22.28 -13.65
N ASP A 155 6.51 22.94 -13.95
CA ASP A 155 6.05 24.02 -13.08
C ASP A 155 5.63 23.49 -11.71
N ASP A 156 5.19 22.24 -11.63
CA ASP A 156 4.83 21.68 -10.33
C ASP A 156 5.97 20.89 -9.71
N LEU A 157 7.22 21.17 -10.09
CA LEU A 157 8.36 20.58 -9.40
C LEU A 157 8.35 20.99 -7.94
N ASP A 158 8.52 20.02 -7.06
CA ASP A 158 8.68 20.26 -5.64
C ASP A 158 10.13 20.67 -5.42
N LYS A 159 10.38 21.99 -5.41
CA LYS A 159 11.75 22.48 -5.33
C LYS A 159 12.42 22.06 -4.03
N GLU A 160 11.67 22.06 -2.93
CA GLU A 160 12.25 21.71 -1.63
C GLU A 160 12.70 20.26 -1.60
N THR A 161 11.85 19.34 -2.07
CA THR A 161 12.24 17.95 -2.17
C THR A 161 13.35 17.78 -3.19
N ALA A 162 13.30 18.57 -4.27
CA ALA A 162 14.30 18.45 -5.32
C ALA A 162 15.69 18.75 -4.78
N VAL A 163 15.81 19.77 -3.92
CA VAL A 163 17.10 20.12 -3.36
C VAL A 163 17.64 18.99 -2.49
N ILE A 164 16.78 18.44 -1.61
CA ILE A 164 17.16 17.29 -0.79
C ILE A 164 17.62 16.13 -1.67
N PHE A 165 16.86 15.87 -2.73
CA PHE A 165 17.15 14.77 -3.64
C PHE A 165 18.52 14.96 -4.29
N ILE A 166 18.81 16.17 -4.76
CA ILE A 166 20.08 16.43 -5.41
C ILE A 166 21.23 16.27 -4.43
N LYS A 167 21.11 16.88 -3.25
CA LYS A 167 22.19 16.77 -2.27
C LYS A 167 22.38 15.34 -1.78
N SER A 168 21.28 14.61 -1.53
CA SER A 168 21.40 13.21 -1.10
C SER A 168 22.06 12.36 -2.18
N THR A 169 21.71 12.58 -3.45
CA THR A 169 22.34 11.81 -4.52
C THR A 169 23.84 12.05 -4.56
N LEU A 170 24.24 13.32 -4.54
CA LEU A 170 25.66 13.66 -4.66
C LEU A 170 26.43 13.26 -3.40
N ASP A 171 25.89 13.53 -2.21
CA ASP A 171 26.54 13.12 -0.97
C ASP A 171 26.72 11.60 -0.93
N GLY A 172 25.72 10.84 -1.39
CA GLY A 172 25.81 9.38 -1.35
C GLY A 172 26.94 8.85 -2.19
N LEU A 173 27.15 9.41 -3.37
CA LEU A 173 28.23 8.98 -4.25
C LEU A 173 29.59 9.33 -3.65
N ILE A 174 29.72 10.53 -3.07
CA ILE A 174 30.97 10.94 -2.46
C ILE A 174 31.27 10.05 -1.26
N TRP A 175 30.32 9.95 -0.34
CA TRP A 175 30.51 9.15 0.87
C TRP A 175 30.85 7.71 0.50
N ARG A 176 30.06 7.13 -0.41
CA ARG A 176 30.30 5.76 -0.85
C ARG A 176 31.68 5.63 -1.46
N TRP A 177 32.10 6.60 -2.26
CA TRP A 177 33.41 6.46 -2.90
C TRP A 177 34.53 6.48 -1.87
N PHE A 178 34.50 7.46 -0.95
CA PHE A 178 35.56 7.55 0.06
C PHE A 178 35.50 6.37 1.03
N SER A 179 34.31 6.06 1.55
CA SER A 179 34.21 5.04 2.59
C SER A 179 34.56 3.65 2.04
N SER A 180 34.37 3.44 0.74
CA SER A 180 34.76 2.17 0.14
C SER A 180 36.26 2.09 -0.13
N GLY A 181 37.03 3.13 0.18
CA GLY A 181 38.42 3.11 -0.20
C GLY A 181 38.62 3.29 -1.70
N GLU A 182 37.76 4.07 -2.33
CA GLU A 182 37.80 4.35 -3.78
C GLU A 182 37.82 3.06 -4.59
N SER A 183 36.98 2.11 -4.19
CA SER A 183 37.02 0.77 -4.77
C SER A 183 36.25 0.65 -6.08
N PHE A 184 35.65 1.73 -6.58
CA PHE A 184 35.00 1.70 -7.88
C PHE A 184 35.44 2.92 -8.67
N ASP A 185 35.27 2.84 -9.99
CA ASP A 185 35.74 3.86 -10.93
C ASP A 185 34.80 5.06 -10.92
N LEU A 186 35.24 6.16 -10.28
CA LEU A 186 34.41 7.35 -10.17
C LEU A 186 34.20 8.00 -11.54
N GLY A 187 35.19 7.93 -12.43
CA GLY A 187 35.03 8.51 -13.74
C GLY A 187 33.94 7.83 -14.56
N LYS A 188 33.72 6.53 -14.36
CA LYS A 188 32.65 5.84 -15.06
C LYS A 188 31.35 5.90 -14.29
N THR A 189 31.41 5.97 -12.97
CA THR A 189 30.20 5.90 -12.16
C THR A 189 29.48 7.24 -12.05
N ALA A 190 30.23 8.34 -11.83
CA ALA A 190 29.56 9.62 -11.58
C ALA A 190 28.68 10.10 -12.74
N PRO A 191 29.09 10.03 -14.02
CA PRO A 191 28.20 10.51 -15.09
C PRO A 191 26.92 9.71 -15.18
N ARG A 192 27.00 8.41 -14.87
CA ARG A 192 25.80 7.59 -14.84
C ARG A 192 24.88 7.98 -13.69
N ILE A 193 25.45 8.18 -12.49
CA ILE A 193 24.63 8.61 -11.34
C ILE A 193 24.01 9.98 -11.62
N ILE A 194 24.80 10.89 -12.18
CA ILE A 194 24.31 12.22 -12.48
C ILE A 194 23.22 12.16 -13.55
N GLY A 195 23.45 11.37 -14.61
CA GLY A 195 22.44 11.25 -15.66
C GLY A 195 21.10 10.72 -15.17
N ILE A 196 21.12 9.71 -14.30
CA ILE A 196 19.88 9.21 -13.73
C ILE A 196 19.21 10.29 -12.90
N MET A 197 19.99 10.99 -12.08
CA MET A 197 19.49 12.07 -11.23
C MET A 197 18.78 13.13 -12.05
N MET A 198 19.41 13.57 -13.15
CA MET A 198 18.84 14.66 -13.93
C MET A 198 17.57 14.19 -14.64
N ASP A 199 17.57 12.95 -15.11
CA ASP A 199 16.36 12.36 -15.68
C ASP A 199 15.24 12.33 -14.66
N ASN A 200 15.54 11.95 -13.42
CA ASN A 200 14.50 11.96 -12.39
C ASN A 200 13.97 13.35 -12.14
N LEU A 201 14.86 14.35 -12.05
CA LEU A 201 14.42 15.72 -11.80
C LEU A 201 13.46 16.20 -12.90
N GLU A 202 13.73 15.81 -14.14
CA GLU A 202 12.93 16.30 -15.24
C GLU A 202 11.59 15.59 -15.35
N ASN A 203 11.58 14.28 -15.08
CA ASN A 203 10.46 13.43 -15.44
C ASN A 203 9.78 12.70 -14.28
N HIS A 204 10.46 12.41 -13.17
CA HIS A 204 9.80 11.48 -12.25
C HIS A 204 8.70 12.20 -11.45
N PRO A 205 7.51 11.59 -11.35
CA PRO A 205 6.39 12.27 -10.67
C PRO A 205 6.55 12.41 -9.17
N CYS A 206 7.37 11.57 -8.53
CA CYS A 206 7.58 11.68 -7.09
C CYS A 206 8.32 12.95 -6.71
N LEU A 207 8.90 13.68 -7.67
CA LEU A 207 9.58 14.94 -7.41
C LEU A 207 8.69 16.14 -7.72
N ARG A 208 7.39 15.93 -7.85
CA ARG A 208 6.42 16.99 -8.09
C ARG A 208 5.66 17.28 -6.81
N ARG A 209 5.06 18.46 -6.73
CA ARG A 209 4.16 18.76 -5.64
C ARG A 209 2.93 17.85 -5.74
N LEU B 9 22.29 -13.51 26.56
CA LEU B 9 23.06 -12.95 27.67
C LEU B 9 22.69 -11.50 27.90
N LYS B 10 22.19 -11.21 29.11
CA LYS B 10 21.79 -9.85 29.45
C LYS B 10 22.96 -9.03 29.94
N THR B 11 24.00 -9.67 30.48
CA THR B 11 25.19 -8.94 30.89
C THR B 11 25.97 -8.45 29.67
N LYS B 12 26.01 -9.26 28.62
CA LYS B 12 26.63 -8.84 27.36
C LYS B 12 25.90 -7.65 26.75
N GLU B 13 24.57 -7.67 26.76
CA GLU B 13 23.79 -6.59 26.16
C GLU B 13 23.92 -5.29 26.96
N HIS B 14 24.00 -5.40 28.28
CA HIS B 14 24.24 -4.21 29.09
C HIS B 14 25.54 -3.54 28.69
N LEU B 15 26.58 -4.34 28.43
CA LEU B 15 27.87 -3.80 28.03
C LEU B 15 27.81 -3.20 26.62
N MET B 16 27.08 -3.84 25.70
CA MET B 16 27.01 -3.32 24.34
C MET B 16 26.29 -1.98 24.30
N LEU B 17 25.26 -1.80 25.14
CA LEU B 17 24.56 -0.53 25.13
C LEU B 17 25.34 0.56 25.84
N ALA B 18 26.17 0.20 26.83
CA ALA B 18 27.07 1.18 27.40
C ALA B 18 28.07 1.66 26.36
N ALA B 19 28.57 0.74 25.53
CA ALA B 19 29.44 1.14 24.43
C ALA B 19 28.71 2.05 23.45
N LEU B 20 27.50 1.64 23.05
CA LEU B 20 26.70 2.46 22.13
C LEU B 20 26.49 3.86 22.66
N GLU B 21 26.17 4.00 23.96
CA GLU B 21 25.92 5.32 24.51
C GLU B 21 27.20 6.15 24.59
N THR B 22 28.33 5.52 24.92
CA THR B 22 29.59 6.25 25.00
C THR B 22 30.11 6.60 23.61
N PHE B 23 30.01 5.67 22.66
CA PHE B 23 30.32 5.99 21.28
C PHE B 23 29.49 7.17 20.79
N TYR B 24 28.21 7.19 21.14
CA TYR B 24 27.32 8.23 20.64
C TYR B 24 27.67 9.58 21.24
N ARG B 25 28.17 9.60 22.48
CA ARG B 25 28.49 10.87 23.12
C ARG B 25 29.87 11.37 22.69
N LYS B 26 30.87 10.49 22.70
CA LYS B 26 32.27 10.87 22.50
C LYS B 26 32.82 10.56 21.12
N GLY B 27 32.14 9.72 20.33
CA GLY B 27 32.73 9.20 19.12
C GLY B 27 33.54 7.96 19.44
N ILE B 28 33.87 7.20 18.40
CA ILE B 28 34.51 5.92 18.65
C ILE B 28 35.97 6.11 19.05
N ALA B 29 36.67 7.04 18.39
CA ALA B 29 38.10 7.21 18.62
C ALA B 29 38.41 7.66 20.05
N ARG B 30 37.61 8.57 20.58
CA ARG B 30 37.87 9.14 21.90
C ARG B 30 37.30 8.28 23.03
N THR B 31 36.59 7.21 22.71
CA THR B 31 36.04 6.33 23.73
C THR B 31 37.09 5.32 24.16
N SER B 32 37.21 5.12 25.47
CA SER B 32 38.12 4.11 26.00
C SER B 32 37.32 2.97 26.61
N LEU B 33 37.98 1.80 26.68
CA LEU B 33 37.36 0.64 27.30
C LEU B 33 36.99 0.91 28.75
N ASN B 34 37.83 1.66 29.47
CA ASN B 34 37.53 1.99 30.85
C ASN B 34 36.25 2.80 30.97
N GLU B 35 36.03 3.76 30.08
CA GLU B 35 34.79 4.53 30.12
C GLU B 35 33.58 3.64 29.88
N ILE B 36 33.71 2.70 28.94
CA ILE B 36 32.63 1.76 28.66
C ILE B 36 32.34 0.90 29.89
N ALA B 37 33.41 0.37 30.51
CA ALA B 37 33.24 -0.42 31.73
C ALA B 37 32.59 0.42 32.82
N GLN B 38 33.12 1.63 33.06
CA GLN B 38 32.54 2.51 34.07
C GLN B 38 31.06 2.78 33.79
N ALA B 39 30.74 3.14 32.56
CA ALA B 39 29.35 3.44 32.21
C ALA B 39 28.45 2.22 32.40
N ALA B 40 28.99 1.01 32.20
CA ALA B 40 28.23 -0.22 32.41
C ALA B 40 28.21 -0.65 33.86
N GLY B 41 28.98 0.00 34.72
CA GLY B 41 29.08 -0.36 36.12
C GLY B 41 29.76 -1.69 36.40
N VAL B 42 30.70 -2.10 35.56
CA VAL B 42 31.45 -3.33 35.76
C VAL B 42 32.94 -3.01 35.72
N THR B 43 33.74 -3.98 36.12
CA THR B 43 35.17 -3.84 36.11
C THR B 43 35.73 -4.09 34.71
N ARG B 44 36.95 -3.58 34.48
CA ARG B 44 37.64 -3.83 33.21
C ARG B 44 37.78 -5.32 32.94
N GLY B 45 38.01 -6.11 34.00
CA GLY B 45 38.15 -7.55 33.82
C GLY B 45 36.84 -8.20 33.39
N ALA B 46 35.73 -7.77 33.98
CA ALA B 46 34.42 -8.27 33.57
C ALA B 46 34.15 -7.95 32.10
N LEU B 47 34.45 -6.73 31.68
CA LEU B 47 34.27 -6.36 30.28
C LEU B 47 35.15 -7.19 29.37
N TYR B 48 36.44 -7.32 29.71
CA TYR B 48 37.37 -8.02 28.83
C TYR B 48 37.00 -9.49 28.64
N TRP B 49 36.32 -10.09 29.61
CA TRP B 49 35.84 -11.46 29.44
C TRP B 49 34.91 -11.58 28.24
N HIS B 50 34.05 -10.58 28.04
CA HIS B 50 33.08 -10.64 26.95
C HIS B 50 33.55 -9.94 25.69
N PHE B 51 34.34 -8.87 25.82
CA PHE B 51 34.76 -8.08 24.67
C PHE B 51 36.20 -7.67 24.88
N LYS B 52 37.09 -8.13 24.00
CA LYS B 52 38.50 -7.83 24.21
C LYS B 52 38.82 -6.36 23.91
N ASN B 53 38.05 -5.69 23.05
CA ASN B 53 38.42 -4.34 22.65
C ASN B 53 37.22 -3.60 22.08
N LYS B 54 37.42 -2.30 21.79
CA LYS B 54 36.32 -1.50 21.25
C LYS B 54 35.79 -2.06 19.95
N GLU B 55 36.69 -2.58 19.10
CA GLU B 55 36.28 -3.18 17.83
C GLU B 55 35.21 -4.25 18.02
N ASP B 56 35.40 -5.14 19.01
CA ASP B 56 34.46 -6.24 19.15
C ASP B 56 33.11 -5.78 19.68
N LEU B 57 33.10 -4.73 20.50
CA LEU B 57 31.83 -4.13 20.92
C LEU B 57 31.12 -3.51 19.74
N PHE B 58 31.86 -2.74 18.93
CA PHE B 58 31.31 -2.18 17.71
C PHE B 58 30.80 -3.28 16.78
N ASP B 59 31.60 -4.34 16.63
CA ASP B 59 31.22 -5.47 15.79
C ASP B 59 29.93 -6.11 16.28
N ALA B 60 29.78 -6.28 17.60
CA ALA B 60 28.57 -6.86 18.15
C ALA B 60 27.36 -5.97 17.92
N LEU B 61 27.54 -4.64 17.99
CA LEU B 61 26.44 -3.72 17.71
C LEU B 61 25.98 -3.85 16.26
N PHE B 62 26.93 -3.91 15.33
CA PHE B 62 26.65 -4.16 13.92
C PHE B 62 25.78 -5.41 13.75
N GLN B 63 26.12 -6.49 14.47
CA GLN B 63 25.35 -7.73 14.38
C GLN B 63 23.93 -7.56 14.93
N ARG B 64 23.77 -6.80 16.02
CA ARG B 64 22.41 -6.59 16.54
C ARG B 64 21.59 -5.82 15.54
N ILE B 65 22.19 -4.81 14.89
CA ILE B 65 21.49 -4.09 13.83
C ILE B 65 21.08 -5.06 12.72
N CYS B 66 21.99 -5.93 12.28
CA CYS B 66 21.64 -6.86 11.20
C CYS B 66 20.62 -7.89 11.67
N ASP B 67 20.72 -8.33 12.93
CA ASP B 67 19.74 -9.28 13.45
C ASP B 67 18.35 -8.65 13.49
N ASP B 68 18.25 -7.39 13.90
CA ASP B 68 16.96 -6.72 13.92
C ASP B 68 16.34 -6.69 12.53
N ILE B 69 17.16 -6.36 11.51
CA ILE B 69 16.63 -6.27 10.15
C ILE B 69 16.17 -7.64 9.65
N GLU B 70 16.95 -8.69 9.91
CA GLU B 70 16.57 -10.00 9.41
C GLU B 70 15.36 -10.57 10.12
N ASN B 71 15.21 -10.28 11.42
CA ASN B 71 14.05 -10.78 12.16
C ASN B 71 12.78 -10.02 11.85
N CYS B 72 12.86 -8.97 11.04
CA CYS B 72 11.69 -8.28 10.53
C CYS B 72 11.40 -8.62 9.08
N ILE B 73 12.42 -8.89 8.28
CA ILE B 73 12.21 -9.34 6.91
C ILE B 73 11.53 -10.70 6.90
N ALA B 74 11.70 -11.47 7.99
CA ALA B 74 11.04 -12.73 8.26
C ALA B 74 9.51 -12.58 8.55
N GLN B 75 8.90 -11.42 8.29
CA GLN B 75 7.50 -11.20 8.56
C GLN B 75 6.77 -10.63 7.35
N GLY B 82 3.34 -9.44 -2.67
CA GLY B 82 4.06 -10.68 -2.87
C GLY B 82 5.23 -10.58 -3.83
N GLY B 83 6.23 -11.43 -3.63
CA GLY B 83 7.46 -11.40 -4.42
C GLY B 83 8.59 -10.72 -3.65
N SER B 84 9.79 -11.28 -3.73
CA SER B 84 10.91 -10.77 -2.95
C SER B 84 11.24 -9.32 -3.30
N TRP B 85 10.96 -8.89 -4.53
CA TRP B 85 11.21 -7.50 -4.92
C TRP B 85 10.28 -6.55 -4.19
N THR B 86 9.02 -6.96 -3.95
CA THR B 86 8.14 -6.12 -3.17
C THR B 86 8.53 -6.15 -1.70
N VAL B 87 9.01 -7.30 -1.22
CA VAL B 87 9.48 -7.39 0.16
C VAL B 87 10.69 -6.48 0.38
N PHE B 88 11.58 -6.40 -0.63
CA PHE B 88 12.73 -5.51 -0.56
C PHE B 88 12.29 -4.06 -0.33
N ARG B 89 11.25 -3.65 -1.06
CA ARG B 89 10.67 -2.32 -0.87
C ARG B 89 10.24 -2.11 0.59
N HIS B 90 9.50 -3.07 1.13
CA HIS B 90 9.07 -2.97 2.52
C HIS B 90 10.26 -2.92 3.46
N THR B 91 11.29 -3.75 3.20
CA THR B 91 12.45 -3.79 4.07
C THR B 91 13.15 -2.44 4.10
N LEU B 92 13.26 -1.79 2.94
CA LEU B 92 13.88 -0.47 2.86
C LEU B 92 13.05 0.57 3.58
N LEU B 93 11.73 0.55 3.39
CA LEU B 93 10.86 1.49 4.09
C LEU B 93 10.95 1.28 5.60
N HIS B 94 10.94 0.02 6.03
CA HIS B 94 11.04 -0.27 7.47
C HIS B 94 12.38 0.16 8.04
N PHE B 95 13.46 0.07 7.24
CA PHE B 95 14.77 0.51 7.71
C PHE B 95 14.74 1.98 8.14
N PHE B 96 14.17 2.83 7.30
CA PHE B 96 14.18 4.27 7.59
C PHE B 96 13.17 4.64 8.67
N GLU B 97 12.08 3.88 8.78
CA GLU B 97 11.15 4.12 9.87
C GLU B 97 11.82 3.87 11.22
N ARG B 98 12.48 2.72 11.39
CA ARG B 98 13.07 2.41 12.68
C ARG B 98 14.30 3.30 12.93
N LEU B 99 14.96 3.75 11.86
CA LEU B 99 15.98 4.79 12.01
C LEU B 99 15.43 6.00 12.76
N GLN B 100 14.13 6.27 12.62
CA GLN B 100 13.53 7.40 13.29
C GLN B 100 12.83 7.04 14.60
N SER B 101 12.50 5.77 14.82
CA SER B 101 11.73 5.37 15.99
C SER B 101 12.48 4.49 16.97
N ASN B 102 13.57 3.87 16.56
CA ASN B 102 14.32 2.94 17.40
C ASN B 102 15.64 3.60 17.78
N ASP B 103 15.82 3.85 19.08
CA ASP B 103 16.98 4.60 19.56
C ASP B 103 18.30 3.88 19.28
N ILE B 104 18.30 2.54 19.32
CA ILE B 104 19.53 1.80 19.03
C ILE B 104 19.90 1.93 17.56
N HIS B 105 18.92 1.85 16.66
CA HIS B 105 19.22 2.02 15.24
C HIS B 105 19.56 3.47 14.92
N TYR B 106 18.88 4.42 15.57
CA TYR B 106 19.23 5.83 15.38
C TYR B 106 20.67 6.10 15.81
N LYS B 107 21.01 5.71 17.04
CA LYS B 107 22.33 6.03 17.57
C LYS B 107 23.44 5.30 16.82
N PHE B 108 23.23 4.04 16.45
CA PHE B 108 24.29 3.29 15.78
C PHE B 108 24.63 3.90 14.42
N HIS B 109 23.62 4.20 13.61
CA HIS B 109 23.92 4.75 12.29
C HIS B 109 24.41 6.18 12.39
N ASN B 110 23.94 6.93 13.39
CA ASN B 110 24.55 8.22 13.68
C ASN B 110 26.04 8.07 13.98
N ILE B 111 26.40 7.07 14.81
CA ILE B 111 27.80 6.83 15.12
C ILE B 111 28.57 6.48 13.86
N LEU B 112 28.01 5.57 13.06
CA LEU B 112 28.71 5.08 11.88
C LEU B 112 29.02 6.19 10.91
N PHE B 113 28.06 7.08 10.64
CA PHE B 113 28.26 8.07 9.61
C PHE B 113 28.95 9.34 10.09
N LEU B 114 28.72 9.74 11.35
CA LEU B 114 29.16 11.05 11.82
C LEU B 114 30.17 11.00 12.95
N LYS B 115 30.41 9.84 13.57
CA LYS B 115 31.23 9.80 14.78
C LYS B 115 32.21 8.62 14.73
N CYS B 116 32.79 8.38 13.56
CA CYS B 116 33.68 7.24 13.35
C CYS B 116 34.66 7.65 12.25
N GLU B 117 35.64 8.47 12.63
CA GLU B 117 36.52 9.08 11.65
C GLU B 117 37.53 8.06 11.13
N HIS B 118 37.90 8.23 9.87
CA HIS B 118 38.77 7.27 9.18
C HIS B 118 40.23 7.67 9.37
N THR B 119 40.67 7.57 10.61
CA THR B 119 42.06 7.84 10.97
C THR B 119 42.78 6.54 11.28
N GLU B 120 44.11 6.63 11.36
CA GLU B 120 44.91 5.47 11.75
C GLU B 120 44.56 5.00 13.14
N GLN B 121 44.17 5.93 14.02
CA GLN B 121 43.75 5.56 15.36
C GLN B 121 42.53 4.63 15.33
N ASN B 122 41.61 4.85 14.37
CA ASN B 122 40.42 4.01 14.24
C ASN B 122 40.55 2.92 13.18
N ALA B 123 41.77 2.58 12.75
CA ALA B 123 41.93 1.67 11.62
C ALA B 123 41.22 0.33 11.86
N ALA B 124 41.25 -0.17 13.09
CA ALA B 124 40.69 -1.49 13.37
C ALA B 124 39.16 -1.45 13.41
N VAL B 125 38.59 -0.37 13.94
CA VAL B 125 37.15 -0.14 13.84
C VAL B 125 36.71 -0.02 12.39
N ILE B 126 37.47 0.72 11.58
CA ILE B 126 37.12 0.90 10.18
C ILE B 126 37.11 -0.45 9.46
N ALA B 127 38.07 -1.32 9.83
CA ALA B 127 38.14 -2.66 9.25
C ALA B 127 36.87 -3.45 9.54
N ILE B 128 36.32 -3.33 10.76
CA ILE B 128 35.06 -3.98 11.09
C ILE B 128 33.92 -3.46 10.21
N ALA B 129 33.83 -2.12 10.09
CA ALA B 129 32.80 -1.52 9.24
C ALA B 129 32.92 -2.01 7.81
N ARG B 130 34.16 -2.12 7.31
CA ARG B 130 34.37 -2.60 5.95
C ARG B 130 33.88 -4.02 5.79
N LYS B 131 34.02 -4.85 6.83
CA LYS B 131 33.52 -6.22 6.77
C LYS B 131 32.00 -6.25 6.64
N HIS B 132 31.31 -5.36 7.36
CA HIS B 132 29.86 -5.34 7.29
C HIS B 132 29.35 -4.70 6.00
N GLN B 133 30.10 -3.74 5.44
CA GLN B 133 29.75 -3.25 4.11
C GLN B 133 29.80 -4.39 3.10
N ALA B 134 30.82 -5.25 3.20
CA ALA B 134 30.88 -6.41 2.30
C ALA B 134 29.66 -7.29 2.49
N ILE B 135 29.18 -7.41 3.72
CA ILE B 135 27.99 -8.23 3.99
C ILE B 135 26.76 -7.60 3.34
N TRP B 136 26.56 -6.29 3.55
CA TRP B 136 25.42 -5.62 2.90
C TRP B 136 25.50 -5.77 1.40
N ARG B 137 26.70 -5.62 0.83
CA ARG B 137 26.87 -5.75 -0.61
C ARG B 137 26.38 -7.11 -1.10
N GLU B 138 26.81 -8.18 -0.42
CA GLU B 138 26.39 -9.52 -0.82
C GLU B 138 24.88 -9.69 -0.69
N LYS B 139 24.28 -9.10 0.34
CA LYS B 139 22.83 -9.27 0.52
C LYS B 139 22.04 -8.50 -0.53
N ILE B 140 22.50 -7.31 -0.91
CA ILE B 140 21.86 -6.58 -1.98
C ILE B 140 22.00 -7.31 -3.30
N THR B 141 23.19 -7.89 -3.54
CA THR B 141 23.38 -8.66 -4.78
C THR B 141 22.44 -9.85 -4.87
N ALA B 142 22.19 -10.52 -3.74
CA ALA B 142 21.26 -11.66 -3.74
C ALA B 142 19.84 -11.21 -4.03
N VAL B 143 19.41 -10.08 -3.46
CA VAL B 143 18.09 -9.55 -3.77
C VAL B 143 17.99 -9.26 -5.26
N LEU B 144 19.06 -8.69 -5.84
CA LEU B 144 19.05 -8.38 -7.25
C LEU B 144 19.01 -9.65 -8.10
N THR B 145 19.78 -10.67 -7.71
CA THR B 145 19.75 -11.93 -8.45
C THR B 145 18.36 -12.54 -8.40
N GLU B 146 17.73 -12.55 -7.22
CA GLU B 146 16.38 -13.10 -7.10
C GLU B 146 15.39 -12.32 -7.95
N ALA B 147 15.50 -10.99 -7.97
CA ALA B 147 14.56 -10.17 -8.71
C ALA B 147 14.69 -10.38 -10.21
N VAL B 148 15.93 -10.58 -10.69
CA VAL B 148 16.10 -10.88 -12.10
C VAL B 148 15.50 -12.24 -12.42
N GLU B 149 15.78 -13.24 -11.59
CA GLU B 149 15.25 -14.58 -11.82
C GLU B 149 13.74 -14.58 -11.74
N ASN B 150 13.15 -13.67 -10.98
CA ASN B 150 11.70 -13.56 -10.92
C ASN B 150 11.15 -12.62 -11.98
N GLN B 151 12.02 -12.07 -12.83
CA GLN B 151 11.62 -11.19 -13.92
C GLN B 151 10.99 -9.90 -13.39
N ASP B 152 11.37 -9.51 -12.18
CA ASP B 152 11.07 -8.20 -11.65
C ASP B 152 12.05 -7.15 -12.16
N LEU B 153 13.25 -7.58 -12.55
CA LEU B 153 14.26 -6.73 -13.13
C LEU B 153 14.75 -7.38 -14.42
N ALA B 154 15.22 -6.55 -15.33
CA ALA B 154 15.63 -7.03 -16.64
C ALA B 154 16.80 -8.00 -16.53
N ASP B 155 16.84 -8.94 -17.47
CA ASP B 155 17.89 -9.96 -17.46
C ASP B 155 19.26 -9.34 -17.68
N ASP B 156 19.34 -8.20 -18.37
CA ASP B 156 20.61 -7.52 -18.62
C ASP B 156 20.86 -6.39 -17.63
N LEU B 157 20.30 -6.47 -16.43
CA LEU B 157 20.65 -5.51 -15.39
C LEU B 157 22.14 -5.57 -15.08
N ASP B 158 22.77 -4.39 -14.98
CA ASP B 158 24.17 -4.32 -14.55
C ASP B 158 24.18 -4.46 -13.03
N LYS B 159 24.37 -5.69 -12.55
CA LYS B 159 24.28 -5.95 -11.12
C LYS B 159 25.35 -5.20 -10.34
N GLU B 160 26.57 -5.12 -10.89
CA GLU B 160 27.67 -4.43 -10.19
C GLU B 160 27.38 -2.94 -10.02
N THR B 161 26.93 -2.28 -11.09
CA THR B 161 26.60 -0.86 -11.00
C THR B 161 25.37 -0.65 -10.12
N ALA B 162 24.42 -1.58 -10.19
CA ALA B 162 23.17 -1.43 -9.44
C ALA B 162 23.42 -1.46 -7.93
N VAL B 163 24.33 -2.33 -7.47
CA VAL B 163 24.64 -2.38 -6.04
C VAL B 163 25.28 -1.09 -5.59
N ILE B 164 26.27 -0.59 -6.35
CA ILE B 164 26.87 0.71 -6.07
C ILE B 164 25.78 1.79 -6.05
N PHE B 165 24.89 1.74 -7.05
CA PHE B 165 23.77 2.68 -7.14
C PHE B 165 22.87 2.59 -5.93
N ILE B 166 22.51 1.38 -5.50
CA ILE B 166 21.62 1.24 -4.36
C ILE B 166 22.28 1.77 -3.09
N LYS B 167 23.53 1.36 -2.83
CA LYS B 167 24.20 1.82 -1.62
C LYS B 167 24.40 3.32 -1.61
N SER B 168 24.77 3.88 -2.76
CA SER B 168 24.96 5.33 -2.85
C SER B 168 23.66 6.10 -2.60
N THR B 169 22.53 5.63 -3.18
CA THR B 169 21.26 6.30 -2.93
C THR B 169 20.90 6.30 -1.45
N LEU B 170 21.00 5.12 -0.82
CA LEU B 170 20.61 4.97 0.57
C LEU B 170 21.61 5.66 1.51
N ASP B 171 22.92 5.47 1.30
CA ASP B 171 23.90 6.13 2.16
C ASP B 171 23.73 7.65 2.09
N GLY B 172 23.46 8.18 0.89
CA GLY B 172 23.30 9.61 0.72
C GLY B 172 22.15 10.16 1.52
N LEU B 173 21.04 9.43 1.55
CA LEU B 173 19.87 9.87 2.31
C LEU B 173 20.16 9.87 3.79
N ILE B 174 20.79 8.81 4.27
CA ILE B 174 21.16 8.71 5.68
C ILE B 174 22.14 9.81 6.05
N TRP B 175 23.23 9.94 5.27
CA TRP B 175 24.21 11.00 5.50
C TRP B 175 23.55 12.37 5.54
N ARG B 176 22.74 12.67 4.51
CA ARG B 176 22.04 13.94 4.42
C ARG B 176 21.16 14.18 5.64
N TRP B 177 20.43 13.15 6.08
CA TRP B 177 19.53 13.32 7.22
C TRP B 177 20.31 13.62 8.50
N PHE B 178 21.32 12.79 8.81
CA PHE B 178 22.11 13.01 10.01
C PHE B 178 22.93 14.30 9.93
N SER B 179 23.61 14.51 8.80
CA SER B 179 24.53 15.65 8.73
C SER B 179 23.81 16.99 8.77
N SER B 180 22.56 17.04 8.29
CA SER B 180 21.75 18.25 8.35
C SER B 180 21.13 18.51 9.71
N GLY B 181 21.38 17.65 10.69
CA GLY B 181 20.70 17.78 11.96
C GLY B 181 19.24 17.39 11.91
N GLU B 182 18.90 16.42 11.06
CA GLU B 182 17.54 15.90 10.90
C GLU B 182 16.54 17.02 10.57
N SER B 183 16.93 17.91 9.65
CA SER B 183 16.16 19.10 9.34
C SER B 183 15.05 18.86 8.31
N PHE B 184 14.84 17.62 7.86
CA PHE B 184 13.72 17.31 6.98
C PHE B 184 13.04 16.02 7.44
N ASP B 185 11.79 15.86 6.99
CA ASP B 185 10.93 14.76 7.41
C ASP B 185 11.36 13.47 6.72
N LEU B 186 12.01 12.57 7.46
CA LEU B 186 12.46 11.32 6.88
C LEU B 186 11.29 10.41 6.52
N GLY B 187 10.21 10.46 7.29
CA GLY B 187 9.06 9.61 7.01
C GLY B 187 8.41 9.90 5.68
N LYS B 188 8.46 11.16 5.25
CA LYS B 188 7.92 11.50 3.94
C LYS B 188 8.98 11.46 2.85
N THR B 189 10.25 11.69 3.17
CA THR B 189 11.26 11.77 2.12
C THR B 189 11.73 10.39 1.67
N ALA B 190 11.97 9.47 2.61
CA ALA B 190 12.53 8.18 2.22
C ALA B 190 11.62 7.40 1.26
N PRO B 191 10.30 7.34 1.45
CA PRO B 191 9.49 6.60 0.47
C PRO B 191 9.57 7.15 -0.95
N ARG B 192 9.67 8.46 -1.12
CA ARG B 192 9.85 9.00 -2.46
C ARG B 192 11.17 8.55 -3.05
N ILE B 193 12.24 8.66 -2.25
CA ILE B 193 13.58 8.25 -2.69
C ILE B 193 13.61 6.77 -3.03
N ILE B 194 12.98 5.94 -2.21
CA ILE B 194 12.94 4.51 -2.47
C ILE B 194 12.16 4.21 -3.75
N GLY B 195 11.00 4.86 -3.92
CA GLY B 195 10.21 4.63 -5.12
C GLY B 195 10.93 5.00 -6.39
N ILE B 196 11.63 6.13 -6.37
CA ILE B 196 12.43 6.55 -7.51
C ILE B 196 13.57 5.56 -7.75
N MET B 197 14.29 5.19 -6.67
CA MET B 197 15.40 4.23 -6.79
C MET B 197 14.94 2.94 -7.42
N MET B 198 13.82 2.39 -6.94
CA MET B 198 13.34 1.13 -7.49
C MET B 198 12.80 1.29 -8.92
N ASP B 199 12.17 2.43 -9.22
CA ASP B 199 11.79 2.68 -10.61
C ASP B 199 13.01 2.70 -11.52
N ASN B 200 14.09 3.37 -11.09
CA ASN B 200 15.30 3.43 -11.89
C ASN B 200 15.88 2.04 -12.09
N LEU B 201 15.94 1.24 -11.03
CA LEU B 201 16.44 -0.13 -11.16
C LEU B 201 15.60 -0.92 -12.15
N GLU B 202 14.28 -0.66 -12.18
CA GLU B 202 13.44 -1.42 -13.10
C GLU B 202 13.55 -0.90 -14.53
N ASN B 203 13.65 0.42 -14.73
CA ASN B 203 13.42 0.96 -16.06
C ASN B 203 14.59 1.72 -16.66
N HIS B 204 15.46 2.32 -15.87
CA HIS B 204 16.41 3.25 -16.46
C HIS B 204 17.48 2.51 -17.27
N PRO B 205 17.77 2.94 -18.49
CA PRO B 205 18.76 2.25 -19.32
C PRO B 205 20.21 2.37 -18.82
N CYS B 206 20.54 3.34 -17.95
CA CYS B 206 21.90 3.45 -17.46
C CYS B 206 22.29 2.31 -16.52
N LEU B 207 21.31 1.58 -15.99
CA LEU B 207 21.59 0.48 -15.09
C LEU B 207 21.58 -0.88 -15.81
N ARG B 208 21.66 -0.87 -17.13
CA ARG B 208 21.70 -2.09 -17.93
C ARG B 208 23.13 -2.36 -18.38
N ARG B 209 23.48 -3.64 -18.48
CA ARG B 209 24.80 -4.02 -18.97
C ARG B 209 25.04 -3.48 -20.37
N LYS B 210 23.99 -3.47 -21.19
CA LYS B 210 24.07 -2.90 -22.53
C LYS B 210 23.84 -1.39 -22.45
N LEU C 9 -2.44 13.97 -11.84
CA LEU C 9 -3.89 14.08 -11.85
C LEU C 9 -4.51 13.04 -12.78
N LYS C 10 -4.17 13.13 -14.07
CA LYS C 10 -4.60 12.13 -15.04
C LYS C 10 -3.98 10.77 -14.76
N THR C 11 -2.83 10.74 -14.08
CA THR C 11 -2.19 9.48 -13.74
C THR C 11 -2.97 8.72 -12.66
N LYS C 12 -3.53 9.44 -11.69
CA LYS C 12 -4.37 8.79 -10.69
C LYS C 12 -5.63 8.22 -11.31
N GLU C 13 -6.23 8.94 -12.26
CA GLU C 13 -7.44 8.44 -12.91
C GLU C 13 -7.13 7.20 -13.74
N HIS C 14 -5.96 7.18 -14.40
CA HIS C 14 -5.55 5.97 -15.13
C HIS C 14 -5.43 4.78 -14.20
N LEU C 15 -4.88 4.98 -13.00
CA LEU C 15 -4.74 3.88 -12.07
C LEU C 15 -6.10 3.39 -11.60
N MET C 16 -7.02 4.32 -11.32
CA MET C 16 -8.35 3.93 -10.85
C MET C 16 -9.12 3.21 -11.95
N LEU C 17 -9.01 3.66 -13.19
CA LEU C 17 -9.73 3.00 -14.26
C LEU C 17 -9.07 1.69 -14.66
N ALA C 18 -7.74 1.61 -14.53
CA ALA C 18 -7.07 0.32 -14.71
C ALA C 18 -7.49 -0.65 -13.63
N ALA C 19 -7.62 -0.16 -12.39
CA ALA C 19 -8.09 -1.00 -11.31
C ALA C 19 -9.52 -1.48 -11.57
N LEU C 20 -10.40 -0.57 -11.98
CA LEU C 20 -11.78 -0.94 -12.27
C LEU C 20 -11.87 -2.03 -13.34
N GLU C 21 -11.12 -1.84 -14.44
CA GLU C 21 -11.20 -2.79 -15.55
C GLU C 21 -10.60 -4.15 -15.17
N THR C 22 -9.50 -4.14 -14.41
CA THR C 22 -8.91 -5.42 -14.02
C THR C 22 -9.77 -6.12 -12.97
N PHE C 23 -10.25 -5.38 -11.96
CA PHE C 23 -11.20 -5.94 -11.01
C PHE C 23 -12.40 -6.55 -11.73
N TYR C 24 -12.89 -5.87 -12.77
CA TYR C 24 -14.07 -6.35 -13.47
C TYR C 24 -13.79 -7.61 -14.27
N ARG C 25 -12.58 -7.75 -14.81
CA ARG C 25 -12.26 -8.94 -15.59
C ARG C 25 -11.85 -10.13 -14.72
N LYS C 26 -10.97 -9.89 -13.74
CA LYS C 26 -10.34 -10.97 -12.99
C LYS C 26 -10.93 -11.19 -11.60
N GLY C 27 -11.67 -10.22 -11.06
CA GLY C 27 -12.05 -10.25 -9.67
C GLY C 27 -10.99 -9.58 -8.80
N ILE C 28 -11.38 -9.25 -7.58
CA ILE C 28 -10.47 -8.49 -6.73
C ILE C 28 -9.36 -9.39 -6.19
N ALA C 29 -9.69 -10.63 -5.82
CA ALA C 29 -8.72 -11.50 -5.17
C ALA C 29 -7.54 -11.81 -6.09
N ARG C 30 -7.80 -12.07 -7.37
CA ARG C 30 -6.72 -12.46 -8.28
C ARG C 30 -6.01 -11.28 -8.94
N THR C 31 -6.43 -10.04 -8.69
CA THR C 31 -5.80 -8.85 -9.25
C THR C 31 -4.64 -8.37 -8.38
N SER C 32 -3.51 -8.02 -9.02
CA SER C 32 -2.34 -7.48 -8.33
C SER C 32 -2.10 -6.02 -8.68
N LEU C 33 -1.40 -5.32 -7.77
CA LEU C 33 -1.06 -3.92 -8.01
C LEU C 33 -0.20 -3.74 -9.25
N ASN C 34 0.73 -4.68 -9.49
CA ASN C 34 1.56 -4.58 -10.68
C ASN C 34 0.75 -4.68 -11.97
N GLU C 35 -0.28 -5.53 -11.97
CA GLU C 35 -1.14 -5.61 -13.15
C GLU C 35 -1.85 -4.28 -13.39
N ILE C 36 -2.29 -3.64 -12.32
CA ILE C 36 -2.95 -2.34 -12.44
C ILE C 36 -1.98 -1.31 -13.01
N ALA C 37 -0.75 -1.27 -12.48
CA ALA C 37 0.25 -0.32 -12.97
C ALA C 37 0.55 -0.55 -14.46
N GLN C 38 0.78 -1.80 -14.86
CA GLN C 38 1.02 -2.11 -16.26
C GLN C 38 -0.17 -1.69 -17.14
N ALA C 39 -1.38 -2.04 -16.72
CA ALA C 39 -2.56 -1.67 -17.49
C ALA C 39 -2.74 -0.16 -17.57
N ALA C 40 -2.32 0.55 -16.52
CA ALA C 40 -2.38 2.01 -16.52
C ALA C 40 -1.20 2.68 -17.23
N GLY C 41 -0.20 1.92 -17.64
CA GLY C 41 0.98 2.53 -18.22
C GLY C 41 1.78 3.35 -17.23
N VAL C 42 1.81 2.93 -15.97
CA VAL C 42 2.47 3.67 -14.91
C VAL C 42 3.49 2.75 -14.22
N THR C 43 4.49 3.35 -13.56
CA THR C 43 5.49 2.56 -12.84
C THR C 43 4.97 2.16 -11.47
N ARG C 44 5.58 1.12 -10.91
CA ARG C 44 5.24 0.67 -9.57
C ARG C 44 5.41 1.78 -8.53
N GLY C 45 6.47 2.57 -8.65
CA GLY C 45 6.69 3.65 -7.67
C GLY C 45 5.66 4.75 -7.76
N ALA C 46 5.29 5.16 -8.98
CA ALA C 46 4.23 6.15 -9.15
C ALA C 46 2.91 5.65 -8.56
N LEU C 47 2.60 4.35 -8.74
CA LEU C 47 1.36 3.85 -8.16
C LEU C 47 1.40 3.97 -6.64
N TYR C 48 2.50 3.51 -6.03
CA TYR C 48 2.64 3.62 -4.58
C TYR C 48 2.62 5.08 -4.15
N TRP C 49 3.08 5.98 -5.02
CA TRP C 49 2.99 7.41 -4.74
C TRP C 49 1.54 7.84 -4.58
N HIS C 50 0.62 7.23 -5.34
CA HIS C 50 -0.80 7.55 -5.25
C HIS C 50 -1.58 6.62 -4.33
N PHE C 51 -1.20 5.34 -4.22
CA PHE C 51 -1.97 4.34 -3.50
C PHE C 51 -1.05 3.40 -2.74
N LYS C 52 -1.24 3.30 -1.42
CA LYS C 52 -0.35 2.48 -0.60
C LYS C 52 -0.54 1.00 -0.84
N ASN C 53 -1.74 0.56 -1.20
CA ASN C 53 -2.04 -0.87 -1.33
C ASN C 53 -3.34 -1.04 -2.13
N LYS C 54 -3.68 -2.30 -2.44
CA LYS C 54 -4.87 -2.57 -3.25
C LYS C 54 -6.15 -2.10 -2.57
N GLU C 55 -6.25 -2.30 -1.25
CA GLU C 55 -7.41 -1.80 -0.51
C GLU C 55 -7.63 -0.32 -0.75
N ASP C 56 -6.56 0.47 -0.73
CA ASP C 56 -6.69 1.91 -0.85
C ASP C 56 -7.16 2.32 -2.24
N LEU C 57 -6.77 1.54 -3.25
CA LEU C 57 -7.27 1.76 -4.61
C LEU C 57 -8.77 1.44 -4.70
N PHE C 58 -9.17 0.29 -4.14
CA PHE C 58 -10.59 -0.06 -4.06
C PHE C 58 -11.37 1.01 -3.33
N ASP C 59 -10.82 1.53 -2.23
CA ASP C 59 -11.48 2.59 -1.47
C ASP C 59 -11.72 3.82 -2.34
N ALA C 60 -10.75 4.18 -3.18
CA ALA C 60 -10.91 5.36 -4.04
C ALA C 60 -11.99 5.14 -5.09
N LEU C 61 -12.13 3.92 -5.62
CA LEU C 61 -13.22 3.65 -6.55
C LEU C 61 -14.58 3.78 -5.88
N PHE C 62 -14.72 3.19 -4.68
CA PHE C 62 -15.94 3.36 -3.92
C PHE C 62 -16.25 4.83 -3.68
N GLN C 63 -15.23 5.62 -3.32
CA GLN C 63 -15.42 7.04 -3.05
C GLN C 63 -15.88 7.78 -4.29
N ARG C 64 -15.36 7.42 -5.47
CA ARG C 64 -15.81 8.05 -6.71
C ARG C 64 -17.27 7.73 -6.99
N ILE C 65 -17.69 6.49 -6.75
CA ILE C 65 -19.10 6.14 -6.89
C ILE C 65 -19.95 6.98 -5.94
N CYS C 66 -19.54 7.07 -4.68
CA CYS C 66 -20.33 7.81 -3.71
C CYS C 66 -20.29 9.31 -3.99
N ASP C 67 -19.15 9.83 -4.46
CA ASP C 67 -19.10 11.24 -4.87
C ASP C 67 -20.04 11.51 -6.02
N ASP C 68 -20.09 10.61 -7.01
CA ASP C 68 -20.96 10.80 -8.16
C ASP C 68 -22.42 10.88 -7.73
N ILE C 69 -22.85 10.00 -6.81
CA ILE C 69 -24.23 9.98 -6.36
C ILE C 69 -24.56 11.25 -5.57
N GLU C 70 -23.64 11.65 -4.67
CA GLU C 70 -23.90 12.80 -3.81
C GLU C 70 -23.81 14.12 -4.57
N ASN C 71 -22.94 14.20 -5.58
CA ASN C 71 -22.78 15.43 -6.35
C ASN C 71 -23.90 15.68 -7.35
N CYS C 72 -24.89 14.78 -7.41
CA CYS C 72 -26.10 14.96 -8.22
C CYS C 72 -27.31 15.36 -7.41
N ILE C 73 -27.22 15.36 -6.07
CA ILE C 73 -28.39 15.61 -5.23
C ILE C 73 -28.92 17.02 -5.41
N ALA C 74 -28.08 17.97 -5.81
CA ALA C 74 -28.58 19.29 -6.19
C ALA C 74 -29.53 19.18 -7.38
N GLN C 75 -29.09 18.56 -8.47
CA GLN C 75 -29.94 18.42 -9.64
C GLN C 75 -31.11 17.46 -9.39
N ASP C 76 -30.90 16.39 -8.62
CA ASP C 76 -32.02 15.53 -8.22
C ASP C 76 -33.05 16.29 -7.40
N ALA C 77 -32.67 17.44 -6.83
CA ALA C 77 -33.54 18.20 -5.94
C ALA C 77 -34.05 19.50 -6.52
N ALA C 78 -33.42 20.03 -7.57
CA ALA C 78 -33.83 21.33 -8.12
C ALA C 78 -35.22 21.23 -8.73
N ASP C 79 -35.48 20.17 -9.49
CA ASP C 79 -36.80 19.97 -10.06
C ASP C 79 -37.81 19.44 -9.05
N ALA C 80 -37.36 19.00 -7.88
CA ALA C 80 -38.27 18.41 -6.90
C ALA C 80 -39.05 19.51 -6.18
N GLU C 81 -39.96 19.08 -5.31
CA GLU C 81 -40.76 20.02 -4.55
C GLU C 81 -40.98 19.54 -3.13
N GLY C 82 -41.48 18.31 -2.99
CA GLY C 82 -41.86 17.82 -1.68
C GLY C 82 -40.70 17.48 -0.75
N GLY C 83 -39.65 18.33 -0.73
CA GLY C 83 -38.58 18.11 0.23
C GLY C 83 -37.86 16.77 0.05
N SER C 84 -37.18 16.35 1.12
CA SER C 84 -36.16 15.31 1.01
C SER C 84 -36.74 13.93 0.69
N TRP C 85 -37.99 13.64 1.08
CA TRP C 85 -38.53 12.33 0.73
C TRP C 85 -38.70 12.21 -0.78
N THR C 86 -39.02 13.33 -1.44
CA THR C 86 -39.08 13.39 -2.89
C THR C 86 -37.69 13.31 -3.52
N VAL C 87 -36.72 13.98 -2.90
CA VAL C 87 -35.35 13.91 -3.40
C VAL C 87 -34.83 12.48 -3.31
N PHE C 88 -35.15 11.78 -2.20
CA PHE C 88 -34.76 10.38 -2.05
C PHE C 88 -35.34 9.51 -3.16
N ARG C 89 -36.62 9.71 -3.50
CA ARG C 89 -37.19 8.97 -4.61
C ARG C 89 -36.42 9.24 -5.90
N HIS C 90 -36.15 10.51 -6.19
CA HIS C 90 -35.36 10.84 -7.37
C HIS C 90 -33.97 10.21 -7.30
N THR C 91 -33.32 10.25 -6.14
CA THR C 91 -31.97 9.69 -6.03
C THR C 91 -31.98 8.19 -6.32
N LEU C 92 -32.98 7.48 -5.83
CA LEU C 92 -33.05 6.04 -6.10
C LEU C 92 -33.28 5.76 -7.58
N LEU C 93 -34.22 6.48 -8.19
CA LEU C 93 -34.46 6.31 -9.63
C LEU C 93 -33.21 6.66 -10.42
N HIS C 94 -32.51 7.71 -10.02
CA HIS C 94 -31.29 8.09 -10.72
C HIS C 94 -30.23 7.00 -10.59
N PHE C 95 -30.16 6.36 -9.42
CA PHE C 95 -29.17 5.30 -9.18
C PHE C 95 -29.30 4.18 -10.21
N PHE C 96 -30.53 3.72 -10.44
CA PHE C 96 -30.72 2.57 -11.32
C PHE C 96 -30.60 2.96 -12.78
N GLU C 97 -30.97 4.19 -13.13
CA GLU C 97 -30.68 4.67 -14.47
C GLU C 97 -29.17 4.69 -14.71
N ARG C 98 -28.41 5.16 -13.73
CA ARG C 98 -26.97 5.27 -13.89
C ARG C 98 -26.29 3.91 -13.99
N LEU C 99 -26.86 2.88 -13.33
CA LEU C 99 -26.34 1.52 -13.49
C LEU C 99 -26.34 1.06 -14.94
N GLN C 100 -27.32 1.47 -15.74
CA GLN C 100 -27.36 1.00 -17.12
C GLN C 100 -26.79 1.99 -18.12
N SER C 101 -26.55 3.25 -17.73
CA SER C 101 -26.03 4.24 -18.66
C SER C 101 -24.59 4.63 -18.38
N ASN C 102 -24.09 4.41 -17.19
CA ASN C 102 -22.74 4.82 -16.80
C ASN C 102 -21.90 3.57 -16.60
N ASP C 103 -20.92 3.35 -17.48
CA ASP C 103 -20.14 2.12 -17.45
C ASP C 103 -19.35 1.97 -16.16
N ILE C 104 -18.89 3.09 -15.59
CA ILE C 104 -18.11 3.04 -14.36
C ILE C 104 -18.97 2.56 -13.20
N HIS C 105 -20.20 3.08 -13.10
CA HIS C 105 -21.08 2.64 -12.03
C HIS C 105 -21.56 1.20 -12.26
N TYR C 106 -21.78 0.84 -13.51
CA TYR C 106 -22.14 -0.54 -13.83
C TYR C 106 -21.04 -1.50 -13.38
N LYS C 107 -19.81 -1.25 -13.81
CA LYS C 107 -18.73 -2.18 -13.49
C LYS C 107 -18.44 -2.20 -12.00
N PHE C 108 -18.50 -1.04 -11.33
CA PHE C 108 -18.17 -1.06 -9.91
C PHE C 108 -19.17 -1.90 -9.12
N HIS C 109 -20.46 -1.73 -9.39
CA HIS C 109 -21.45 -2.48 -8.65
C HIS C 109 -21.46 -3.95 -9.07
N ASN C 110 -21.13 -4.22 -10.33
CA ASN C 110 -20.93 -5.59 -10.77
C ASN C 110 -19.80 -6.25 -9.98
N ILE C 111 -18.68 -5.53 -9.81
CA ILE C 111 -17.55 -6.04 -9.02
C ILE C 111 -17.99 -6.30 -7.58
N LEU C 112 -18.68 -5.33 -6.98
CA LEU C 112 -19.04 -5.41 -5.57
C LEU C 112 -19.92 -6.61 -5.26
N PHE C 113 -20.91 -6.88 -6.12
CA PHE C 113 -21.87 -7.94 -5.89
C PHE C 113 -21.40 -9.30 -6.38
N LEU C 114 -20.62 -9.36 -7.48
CA LEU C 114 -20.33 -10.60 -8.17
C LEU C 114 -18.86 -10.99 -8.24
N LYS C 115 -17.92 -10.08 -7.95
CA LYS C 115 -16.52 -10.40 -8.19
C LYS C 115 -15.66 -10.01 -7.02
N CYS C 116 -16.19 -10.20 -5.81
CA CYS C 116 -15.50 -9.77 -4.61
C CYS C 116 -15.82 -10.78 -3.50
N GLU C 117 -15.19 -11.95 -3.59
CA GLU C 117 -15.59 -13.06 -2.74
C GLU C 117 -15.13 -12.83 -1.31
N HIS C 118 -15.94 -13.32 -0.36
CA HIS C 118 -15.73 -13.09 1.06
C HIS C 118 -14.85 -14.20 1.64
N THR C 119 -13.60 -14.20 1.19
CA THR C 119 -12.59 -15.12 1.68
C THR C 119 -11.57 -14.37 2.53
N GLU C 120 -10.74 -15.14 3.24
CA GLU C 120 -9.71 -14.51 4.07
C GLU C 120 -8.77 -13.67 3.23
N GLN C 121 -8.52 -14.08 1.99
CA GLN C 121 -7.64 -13.33 1.11
C GLN C 121 -8.15 -11.90 0.87
N ASN C 122 -9.47 -11.71 0.81
CA ASN C 122 -10.05 -10.39 0.55
C ASN C 122 -10.50 -9.67 1.81
N ALA C 123 -10.04 -10.11 2.98
CA ALA C 123 -10.58 -9.55 4.23
C ALA C 123 -10.44 -8.03 4.28
N ALA C 124 -9.34 -7.50 3.75
CA ALA C 124 -9.12 -6.06 3.88
C ALA C 124 -9.97 -5.26 2.90
N VAL C 125 -10.14 -5.76 1.67
CA VAL C 125 -11.09 -5.15 0.75
C VAL C 125 -12.51 -5.20 1.34
N ILE C 126 -12.89 -6.34 1.93
CA ILE C 126 -14.22 -6.49 2.51
C ILE C 126 -14.44 -5.47 3.64
N ALA C 127 -13.40 -5.21 4.44
CA ALA C 127 -13.53 -4.18 5.46
C ALA C 127 -13.81 -2.80 4.85
N ILE C 128 -13.14 -2.49 3.74
CA ILE C 128 -13.39 -1.24 3.05
C ILE C 128 -14.84 -1.16 2.59
N ALA C 129 -15.33 -2.25 1.99
CA ALA C 129 -16.72 -2.28 1.55
C ALA C 129 -17.67 -2.08 2.72
N ARG C 130 -17.40 -2.74 3.86
CA ARG C 130 -18.29 -2.58 5.01
C ARG C 130 -18.32 -1.15 5.52
N LYS C 131 -17.19 -0.44 5.46
CA LYS C 131 -17.18 0.96 5.89
C LYS C 131 -18.12 1.80 5.05
N HIS C 132 -18.14 1.57 3.73
CA HIS C 132 -19.02 2.35 2.86
C HIS C 132 -20.48 1.92 3.04
N GLN C 133 -20.71 0.65 3.34
CA GLN C 133 -22.06 0.20 3.68
C GLN C 133 -22.57 0.88 4.94
N ALA C 134 -21.69 1.05 5.93
CA ALA C 134 -22.09 1.74 7.15
C ALA C 134 -22.49 3.19 6.86
N ILE C 135 -21.78 3.85 5.94
CA ILE C 135 -22.08 5.24 5.62
C ILE C 135 -23.43 5.33 4.90
N TRP C 136 -23.64 4.48 3.89
CA TRP C 136 -24.95 4.43 3.23
C TRP C 136 -26.05 4.11 4.24
N ARG C 137 -25.80 3.19 5.17
CA ARG C 137 -26.80 2.90 6.18
C ARG C 137 -27.17 4.17 6.96
N GLU C 138 -26.16 4.93 7.41
CA GLU C 138 -26.44 6.15 8.16
C GLU C 138 -27.16 7.19 7.31
N LYS C 139 -26.86 7.27 6.01
CA LYS C 139 -27.56 8.24 5.19
C LYS C 139 -29.04 7.88 5.05
N ILE C 140 -29.34 6.59 4.93
CA ILE C 140 -30.74 6.17 4.87
C ILE C 140 -31.45 6.47 6.17
N THR C 141 -30.77 6.21 7.29
CA THR C 141 -31.36 6.50 8.59
C THR C 141 -31.64 7.98 8.72
N ALA C 142 -30.75 8.83 8.19
CA ALA C 142 -30.99 10.26 8.23
C ALA C 142 -32.18 10.64 7.35
N VAL C 143 -32.30 10.03 6.17
CA VAL C 143 -33.45 10.30 5.31
C VAL C 143 -34.74 9.94 6.02
N LEU C 144 -34.77 8.79 6.69
CA LEU C 144 -35.97 8.37 7.40
C LEU C 144 -36.29 9.33 8.54
N THR C 145 -35.26 9.79 9.25
CA THR C 145 -35.47 10.73 10.34
C THR C 145 -36.09 12.03 9.83
N GLU C 146 -35.54 12.56 8.73
CA GLU C 146 -36.12 13.76 8.13
C GLU C 146 -37.54 13.50 7.63
N ALA C 147 -37.79 12.31 7.06
CA ALA C 147 -39.10 12.03 6.51
C ALA C 147 -40.16 11.94 7.60
N VAL C 148 -39.79 11.43 8.78
CA VAL C 148 -40.75 11.40 9.88
C VAL C 148 -41.02 12.80 10.40
N GLU C 149 -39.96 13.61 10.56
CA GLU C 149 -40.14 14.95 11.09
C GLU C 149 -40.99 15.82 10.17
N ASN C 150 -40.98 15.54 8.87
CA ASN C 150 -41.80 16.29 7.93
C ASN C 150 -43.15 15.62 7.66
N GLN C 151 -43.52 14.63 8.47
CA GLN C 151 -44.78 13.90 8.37
C GLN C 151 -44.90 13.11 7.07
N ASP C 152 -43.81 12.94 6.32
CA ASP C 152 -43.83 12.09 5.14
C ASP C 152 -43.88 10.61 5.51
N LEU C 153 -43.43 10.25 6.72
CA LEU C 153 -43.50 8.89 7.24
C LEU C 153 -44.09 8.97 8.64
N ALA C 154 -44.78 7.90 9.04
CA ALA C 154 -45.49 7.88 10.31
C ALA C 154 -44.54 8.03 11.48
N ASP C 155 -45.04 8.64 12.56
CA ASP C 155 -44.22 8.89 13.74
C ASP C 155 -43.76 7.59 14.39
N ASP C 156 -44.54 6.51 14.27
CA ASP C 156 -44.20 5.22 14.85
C ASP C 156 -43.54 4.29 13.86
N LEU C 157 -42.93 4.82 12.81
CA LEU C 157 -42.14 4.00 11.90
C LEU C 157 -40.98 3.36 12.66
N ASP C 158 -40.79 2.06 12.46
CA ASP C 158 -39.65 1.33 13.01
C ASP C 158 -38.44 1.58 12.13
N LYS C 159 -37.62 2.57 12.52
CA LYS C 159 -36.51 2.98 11.66
C LYS C 159 -35.49 1.86 11.47
N GLU C 160 -35.23 1.07 12.52
CA GLU C 160 -34.24 0.02 12.41
C GLU C 160 -34.66 -1.03 11.38
N THR C 161 -35.92 -1.46 11.43
CA THR C 161 -36.41 -2.42 10.44
C THR C 161 -36.49 -1.80 9.06
N ALA C 162 -36.92 -0.54 8.98
CA ALA C 162 -37.09 0.12 7.68
C ALA C 162 -35.76 0.19 6.93
N VAL C 163 -34.67 0.44 7.67
CA VAL C 163 -33.35 0.52 7.03
C VAL C 163 -32.96 -0.84 6.43
N ILE C 164 -33.10 -1.92 7.21
CA ILE C 164 -32.84 -3.25 6.66
C ILE C 164 -33.76 -3.52 5.48
N PHE C 165 -35.03 -3.14 5.61
CA PHE C 165 -36.01 -3.33 4.56
C PHE C 165 -35.58 -2.61 3.27
N ILE C 166 -35.11 -1.37 3.41
CA ILE C 166 -34.69 -0.59 2.23
C ILE C 166 -33.46 -1.21 1.58
N LYS C 167 -32.43 -1.51 2.38
CA LYS C 167 -31.20 -2.07 1.83
C LYS C 167 -31.47 -3.42 1.21
N SER C 168 -32.28 -4.24 1.87
CA SER C 168 -32.62 -5.55 1.34
C SER C 168 -33.35 -5.42 0.00
N THR C 169 -34.28 -4.46 -0.11
CA THR C 169 -34.99 -4.25 -1.36
C THR C 169 -34.05 -3.83 -2.47
N LEU C 170 -33.17 -2.86 -2.19
CA LEU C 170 -32.29 -2.33 -3.23
C LEU C 170 -31.25 -3.37 -3.62
N ASP C 171 -30.64 -4.02 -2.62
CA ASP C 171 -29.65 -5.06 -2.90
C ASP C 171 -30.26 -6.17 -3.74
N GLY C 172 -31.51 -6.53 -3.42
CA GLY C 172 -32.16 -7.62 -4.16
C GLY C 172 -32.32 -7.30 -5.61
N LEU C 173 -32.68 -6.05 -5.93
CA LEU C 173 -32.85 -5.68 -7.32
C LEU C 173 -31.52 -5.70 -8.05
N ILE C 174 -30.47 -5.17 -7.43
CA ILE C 174 -29.15 -5.17 -8.06
C ILE C 174 -28.62 -6.59 -8.26
N TRP C 175 -28.63 -7.40 -7.20
CA TRP C 175 -28.19 -8.79 -7.31
C TRP C 175 -28.97 -9.53 -8.39
N ARG C 176 -30.31 -9.44 -8.34
CA ARG C 176 -31.12 -10.13 -9.33
C ARG C 176 -30.77 -9.70 -10.76
N TRP C 177 -30.57 -8.40 -10.97
CA TRP C 177 -30.28 -7.91 -12.31
C TRP C 177 -28.94 -8.42 -12.80
N PHE C 178 -27.89 -8.28 -11.99
CA PHE C 178 -26.57 -8.74 -12.43
C PHE C 178 -26.53 -10.24 -12.61
N SER C 179 -27.00 -11.00 -11.61
CA SER C 179 -26.87 -12.44 -11.67
C SER C 179 -27.73 -13.04 -12.79
N SER C 180 -28.81 -12.35 -13.17
CA SER C 180 -29.62 -12.79 -14.30
C SER C 180 -28.99 -12.47 -15.64
N GLY C 181 -27.82 -11.83 -15.65
CA GLY C 181 -27.22 -11.38 -16.88
C GLY C 181 -27.97 -10.22 -17.51
N GLU C 182 -28.55 -9.36 -16.68
CA GLU C 182 -29.32 -8.20 -17.14
C GLU C 182 -30.43 -8.63 -18.09
N SER C 183 -31.15 -9.69 -17.71
CA SER C 183 -32.16 -10.31 -18.57
C SER C 183 -33.53 -9.64 -18.47
N PHE C 184 -33.67 -8.59 -17.66
CA PHE C 184 -34.91 -7.83 -17.63
C PHE C 184 -34.56 -6.35 -17.71
N ASP C 185 -35.53 -5.57 -18.16
CA ASP C 185 -35.36 -4.13 -18.37
C ASP C 185 -35.42 -3.44 -17.01
N LEU C 186 -34.25 -2.99 -16.55
CA LEU C 186 -34.17 -2.31 -15.26
C LEU C 186 -34.89 -0.98 -15.29
N GLY C 187 -34.89 -0.30 -16.46
CA GLY C 187 -35.57 0.98 -16.57
C GLY C 187 -37.06 0.88 -16.34
N LYS C 188 -37.66 -0.26 -16.66
CA LYS C 188 -39.08 -0.45 -16.37
C LYS C 188 -39.31 -1.12 -15.03
N THR C 189 -38.36 -1.94 -14.57
CA THR C 189 -38.53 -2.68 -13.33
C THR C 189 -38.21 -1.85 -12.09
N ALA C 190 -37.13 -1.05 -12.15
CA ALA C 190 -36.71 -0.33 -10.95
C ALA C 190 -37.76 0.64 -10.44
N PRO C 191 -38.43 1.45 -11.26
CA PRO C 191 -39.46 2.36 -10.71
C PRO C 191 -40.62 1.64 -10.03
N ARG C 192 -41.03 0.48 -10.54
CA ARG C 192 -42.08 -0.29 -9.88
C ARG C 192 -41.60 -0.84 -8.55
N ILE C 193 -40.38 -1.41 -8.54
CA ILE C 193 -39.81 -1.94 -7.30
C ILE C 193 -39.66 -0.81 -6.27
N ILE C 194 -39.18 0.36 -6.71
CA ILE C 194 -39.04 1.49 -5.81
C ILE C 194 -40.41 1.98 -5.35
N GLY C 195 -41.37 2.08 -6.27
CA GLY C 195 -42.70 2.53 -5.90
C GLY C 195 -43.35 1.65 -4.85
N ILE C 196 -43.22 0.32 -5.00
CA ILE C 196 -43.76 -0.61 -4.01
C ILE C 196 -43.06 -0.44 -2.67
N MET C 197 -41.72 -0.38 -2.69
CA MET C 197 -40.95 -0.18 -1.45
C MET C 197 -41.40 1.09 -0.75
N MET C 198 -41.57 2.18 -1.51
CA MET C 198 -41.91 3.46 -0.87
C MET C 198 -43.34 3.45 -0.36
N ASP C 199 -44.24 2.78 -1.08
CA ASP C 199 -45.61 2.58 -0.57
C ASP C 199 -45.60 1.80 0.74
N ASN C 200 -44.80 0.74 0.82
CA ASN C 200 -44.73 -0.05 2.05
C ASN C 200 -44.22 0.79 3.21
N LEU C 201 -43.14 1.54 2.97
CA LEU C 201 -42.60 2.38 4.03
C LEU C 201 -43.64 3.37 4.54
N GLU C 202 -44.46 3.89 3.63
CA GLU C 202 -45.44 4.91 4.03
C GLU C 202 -46.65 4.29 4.71
N ASN C 203 -47.08 3.10 4.28
CA ASN C 203 -48.39 2.62 4.68
C ASN C 203 -48.41 1.28 5.40
N HIS C 204 -47.43 0.41 5.19
CA HIS C 204 -47.60 -0.95 5.68
C HIS C 204 -47.44 -0.98 7.21
N PRO C 205 -48.38 -1.59 7.94
CA PRO C 205 -48.28 -1.57 9.40
C PRO C 205 -47.11 -2.38 9.94
N CYS C 206 -46.60 -3.36 9.19
CA CYS C 206 -45.50 -4.19 9.65
C CYS C 206 -44.16 -3.46 9.72
N LEU C 207 -44.06 -2.25 9.16
CA LEU C 207 -42.84 -1.47 9.28
C LEU C 207 -42.94 -0.46 10.42
N ARG C 208 -43.96 -0.57 11.26
CA ARG C 208 -44.15 0.30 12.41
C ARG C 208 -43.87 -0.46 13.69
N ARG C 209 -43.57 0.31 14.74
CA ARG C 209 -43.22 -0.24 16.04
C ARG C 209 -44.46 -0.76 16.77
N ALA D 8 -23.18 -47.57 -1.90
CA ALA D 8 -22.25 -46.57 -2.41
C ALA D 8 -22.90 -45.19 -2.56
N LEU D 9 -24.24 -45.14 -2.47
CA LEU D 9 -24.91 -43.85 -2.45
C LEU D 9 -24.47 -43.02 -1.25
N LYS D 10 -23.88 -43.65 -0.23
CA LYS D 10 -23.28 -42.93 0.89
C LYS D 10 -21.89 -42.43 0.58
N THR D 11 -21.18 -43.06 -0.37
CA THR D 11 -19.86 -42.58 -0.75
C THR D 11 -19.95 -41.28 -1.54
N LYS D 12 -20.94 -41.18 -2.44
CA LYS D 12 -21.14 -39.94 -3.18
C LYS D 12 -21.50 -38.79 -2.25
N GLU D 13 -22.34 -39.06 -1.24
CA GLU D 13 -22.71 -38.01 -0.29
C GLU D 13 -21.51 -37.60 0.55
N HIS D 14 -20.64 -38.55 0.89
CA HIS D 14 -19.41 -38.23 1.62
C HIS D 14 -18.52 -37.29 0.82
N LEU D 15 -18.43 -37.52 -0.50
CA LEU D 15 -17.63 -36.65 -1.35
C LEU D 15 -18.28 -35.27 -1.49
N MET D 16 -19.61 -35.23 -1.56
CA MET D 16 -20.32 -33.97 -1.73
C MET D 16 -20.11 -33.06 -0.53
N LEU D 17 -20.04 -33.65 0.66
CA LEU D 17 -19.87 -32.84 1.85
C LEU D 17 -18.45 -32.33 1.97
N ALA D 18 -17.47 -33.10 1.47
CA ALA D 18 -16.10 -32.61 1.42
C ALA D 18 -15.97 -31.42 0.48
N ALA D 19 -16.65 -31.46 -0.66
CA ALA D 19 -16.67 -30.32 -1.57
C ALA D 19 -17.36 -29.13 -0.92
N LEU D 20 -18.52 -29.36 -0.29
CA LEU D 20 -19.21 -28.28 0.40
C LEU D 20 -18.30 -27.63 1.43
N GLU D 21 -17.58 -28.44 2.20
CA GLU D 21 -16.73 -27.90 3.26
C GLU D 21 -15.55 -27.14 2.68
N THR D 22 -14.95 -27.65 1.60
CA THR D 22 -13.82 -26.96 0.99
C THR D 22 -14.27 -25.69 0.27
N PHE D 23 -15.37 -25.78 -0.49
CA PHE D 23 -15.96 -24.60 -1.12
C PHE D 23 -16.23 -23.49 -0.10
N TYR D 24 -16.80 -23.85 1.05
CA TYR D 24 -17.16 -22.88 2.06
C TYR D 24 -15.92 -22.27 2.73
N ARG D 25 -14.83 -23.02 2.82
CA ARG D 25 -13.65 -22.48 3.48
C ARG D 25 -12.82 -21.63 2.52
N LYS D 26 -12.60 -22.11 1.30
CA LYS D 26 -11.71 -21.44 0.35
C LYS D 26 -12.44 -20.71 -0.78
N GLY D 27 -13.72 -20.99 -1.01
CA GLY D 27 -14.39 -20.50 -2.21
C GLY D 27 -14.24 -21.49 -3.35
N ILE D 28 -15.06 -21.29 -4.38
CA ILE D 28 -15.13 -22.27 -5.47
C ILE D 28 -13.90 -22.18 -6.36
N ALA D 29 -13.45 -20.96 -6.67
CA ALA D 29 -12.34 -20.79 -7.60
C ALA D 29 -11.04 -21.36 -7.05
N ARG D 30 -10.76 -21.12 -5.77
CA ARG D 30 -9.48 -21.55 -5.21
C ARG D 30 -9.52 -23.01 -4.76
N THR D 31 -10.68 -23.66 -4.85
CA THR D 31 -10.78 -25.06 -4.48
C THR D 31 -10.32 -25.93 -5.64
N SER D 32 -9.51 -26.94 -5.32
CA SER D 32 -9.05 -27.92 -6.29
C SER D 32 -9.69 -29.27 -6.00
N LEU D 33 -9.76 -30.10 -7.04
CA LEU D 33 -10.26 -31.46 -6.86
C LEU D 33 -9.39 -32.25 -5.89
N ASN D 34 -8.06 -32.06 -5.95
CA ASN D 34 -7.17 -32.79 -5.07
C ASN D 34 -7.48 -32.46 -3.61
N GLU D 35 -7.73 -31.18 -3.32
CA GLU D 35 -8.10 -30.81 -1.96
C GLU D 35 -9.38 -31.49 -1.53
N ILE D 36 -10.36 -31.58 -2.43
CA ILE D 36 -11.62 -32.25 -2.11
C ILE D 36 -11.39 -33.73 -1.81
N ALA D 37 -10.64 -34.42 -2.69
CA ALA D 37 -10.36 -35.84 -2.44
C ALA D 37 -9.65 -36.01 -1.10
N GLN D 38 -8.62 -35.20 -0.84
CA GLN D 38 -7.94 -35.27 0.44
C GLN D 38 -8.92 -35.08 1.59
N ALA D 39 -9.77 -34.05 1.51
CA ALA D 39 -10.72 -33.79 2.58
C ALA D 39 -11.71 -34.94 2.76
N ALA D 40 -12.05 -35.64 1.67
CA ALA D 40 -12.92 -36.80 1.81
C ALA D 40 -12.17 -38.03 2.24
N GLY D 41 -10.85 -37.98 2.28
CA GLY D 41 -10.02 -39.13 2.59
C GLY D 41 -10.03 -40.20 1.52
N VAL D 42 -10.16 -39.83 0.24
CA VAL D 42 -10.17 -40.78 -0.85
C VAL D 42 -9.12 -40.34 -1.88
N THR D 43 -8.85 -41.24 -2.81
CA THR D 43 -7.93 -40.97 -3.91
C THR D 43 -8.61 -40.16 -5.00
N ARG D 44 -7.79 -39.50 -5.83
CA ARG D 44 -8.31 -38.74 -6.96
C ARG D 44 -9.16 -39.61 -7.87
N GLY D 45 -8.73 -40.86 -8.10
CA GLY D 45 -9.50 -41.75 -8.95
C GLY D 45 -10.85 -42.12 -8.36
N ALA D 46 -10.90 -42.36 -7.04
CA ALA D 46 -12.18 -42.63 -6.39
C ALA D 46 -13.14 -41.47 -6.56
N LEU D 47 -12.66 -40.24 -6.36
CA LEU D 47 -13.50 -39.05 -6.57
C LEU D 47 -13.94 -38.94 -8.03
N TYR D 48 -12.98 -39.08 -8.96
CA TYR D 48 -13.27 -38.91 -10.37
C TYR D 48 -14.29 -39.93 -10.88
N TRP D 49 -14.36 -41.12 -10.26
CA TRP D 49 -15.37 -42.09 -10.67
C TRP D 49 -16.77 -41.51 -10.49
N HIS D 50 -16.99 -40.79 -9.39
CA HIS D 50 -18.30 -40.24 -9.06
C HIS D 50 -18.53 -38.83 -9.59
N PHE D 51 -17.49 -38.01 -9.70
CA PHE D 51 -17.63 -36.61 -10.12
C PHE D 51 -16.47 -36.23 -11.02
N LYS D 52 -16.78 -35.81 -12.25
CA LYS D 52 -15.72 -35.50 -13.20
C LYS D 52 -14.97 -34.20 -12.85
N ASN D 53 -15.62 -33.26 -12.17
CA ASN D 53 -15.06 -31.93 -11.96
C ASN D 53 -15.82 -31.22 -10.84
N LYS D 54 -15.33 -30.01 -10.51
CA LYS D 54 -15.98 -29.20 -9.49
C LYS D 54 -17.41 -28.82 -9.89
N GLU D 55 -17.62 -28.56 -11.18
CA GLU D 55 -18.95 -28.24 -11.67
C GLU D 55 -19.96 -29.30 -11.23
N ASP D 56 -19.61 -30.58 -11.38
CA ASP D 56 -20.57 -31.64 -11.09
C ASP D 56 -20.81 -31.82 -9.61
N LEU D 57 -19.79 -31.56 -8.78
CA LEU D 57 -20.02 -31.55 -7.33
C LEU D 57 -20.94 -30.40 -6.93
N PHE D 58 -20.68 -29.21 -7.45
CA PHE D 58 -21.57 -28.08 -7.20
C PHE D 58 -22.99 -28.38 -7.68
N ASP D 59 -23.11 -28.96 -8.88
CA ASP D 59 -24.41 -29.34 -9.39
C ASP D 59 -25.13 -30.32 -8.48
N ALA D 60 -24.41 -31.31 -7.95
CA ALA D 60 -25.04 -32.27 -7.04
C ALA D 60 -25.46 -31.60 -5.74
N LEU D 61 -24.64 -30.68 -5.22
CA LEU D 61 -25.02 -29.96 -4.01
C LEU D 61 -26.28 -29.14 -4.24
N PHE D 62 -26.29 -28.42 -5.36
CA PHE D 62 -27.45 -27.67 -5.77
C PHE D 62 -28.68 -28.57 -5.80
N GLN D 63 -28.51 -29.77 -6.37
CA GLN D 63 -29.64 -30.70 -6.48
C GLN D 63 -30.11 -31.16 -5.11
N ARG D 64 -29.17 -31.36 -4.17
CA ARG D 64 -29.57 -31.76 -2.82
C ARG D 64 -30.36 -30.66 -2.13
N ILE D 65 -29.98 -29.39 -2.33
CA ILE D 65 -30.76 -28.30 -1.75
C ILE D 65 -32.18 -28.33 -2.31
N CYS D 66 -32.30 -28.48 -3.63
CA CYS D 66 -33.63 -28.48 -4.24
C CYS D 66 -34.42 -29.73 -3.83
N ASP D 67 -33.74 -30.87 -3.69
CA ASP D 67 -34.43 -32.07 -3.23
C ASP D 67 -34.94 -31.89 -1.80
N ASP D 68 -34.13 -31.29 -0.92
CA ASP D 68 -34.58 -31.04 0.45
C ASP D 68 -35.83 -30.18 0.45
N ILE D 69 -35.83 -29.12 -0.37
CA ILE D 69 -36.97 -28.20 -0.42
C ILE D 69 -38.20 -28.91 -0.97
N GLU D 70 -38.03 -29.73 -2.03
CA GLU D 70 -39.17 -30.41 -2.63
C GLU D 70 -39.73 -31.51 -1.74
N ASN D 71 -38.88 -32.22 -0.99
CA ASN D 71 -39.39 -33.27 -0.12
C ASN D 71 -40.06 -32.72 1.12
N CYS D 72 -40.05 -31.41 1.32
CA CYS D 72 -40.78 -30.78 2.42
C CYS D 72 -42.05 -30.10 1.97
N ILE D 73 -42.10 -29.60 0.73
CA ILE D 73 -43.34 -29.06 0.19
C ILE D 73 -44.42 -30.12 0.18
N ALA D 74 -44.05 -31.39 0.02
CA ALA D 74 -45.01 -32.48 0.10
C ALA D 74 -45.59 -32.60 1.50
N GLN D 75 -44.74 -32.55 2.51
CA GLN D 75 -45.17 -32.67 3.91
C GLN D 75 -46.05 -31.49 4.33
N SER D 84 -50.79 -24.55 -4.24
CA SER D 84 -51.46 -23.89 -3.14
C SER D 84 -50.73 -22.61 -2.72
N TRP D 85 -51.51 -21.54 -2.63
CA TRP D 85 -50.95 -20.25 -2.24
C TRP D 85 -50.49 -20.27 -0.79
N THR D 86 -51.16 -21.04 0.07
CA THR D 86 -50.75 -21.15 1.46
C THR D 86 -49.48 -21.98 1.61
N VAL D 87 -49.33 -23.05 0.83
CA VAL D 87 -48.12 -23.87 0.89
C VAL D 87 -46.92 -23.05 0.46
N PHE D 88 -47.09 -22.20 -0.55
CA PHE D 88 -46.00 -21.34 -1.01
C PHE D 88 -45.46 -20.48 0.14
N ARG D 89 -46.37 -19.86 0.91
CA ARG D 89 -45.94 -19.07 2.06
C ARG D 89 -45.13 -19.91 3.03
N HIS D 90 -45.66 -21.08 3.42
CA HIS D 90 -44.95 -21.95 4.35
C HIS D 90 -43.59 -22.35 3.78
N THR D 91 -43.52 -22.60 2.47
CA THR D 91 -42.26 -22.98 1.85
C THR D 91 -41.23 -21.86 1.99
N LEU D 92 -41.65 -20.60 1.78
CA LEU D 92 -40.73 -19.48 1.91
C LEU D 92 -40.29 -19.28 3.35
N LEU D 93 -41.23 -19.36 4.29
CA LEU D 93 -40.88 -19.26 5.70
C LEU D 93 -39.93 -20.37 6.12
N HIS D 94 -40.20 -21.60 5.69
CA HIS D 94 -39.33 -22.72 6.04
C HIS D 94 -37.95 -22.58 5.40
N PHE D 95 -37.89 -22.04 4.19
CA PHE D 95 -36.60 -21.82 3.54
C PHE D 95 -35.67 -20.98 4.42
N PHE D 96 -36.20 -19.92 5.00
CA PHE D 96 -35.34 -19.03 5.78
C PHE D 96 -35.01 -19.58 7.15
N GLU D 97 -35.92 -20.35 7.75
CA GLU D 97 -35.60 -21.08 8.97
C GLU D 97 -34.47 -22.07 8.74
N ARG D 98 -34.50 -22.76 7.60
CA ARG D 98 -33.49 -23.77 7.29
C ARG D 98 -32.12 -23.15 7.08
N LEU D 99 -32.06 -21.91 6.57
CA LEU D 99 -30.80 -21.20 6.46
C LEU D 99 -30.11 -21.06 7.80
N GLN D 100 -30.87 -20.98 8.89
CA GLN D 100 -30.29 -20.82 10.21
C GLN D 100 -30.11 -22.11 10.98
N SER D 101 -30.83 -23.17 10.63
CA SER D 101 -30.80 -24.39 11.44
C SER D 101 -30.08 -25.53 10.74
N ASN D 102 -29.89 -25.45 9.44
CA ASN D 102 -29.32 -26.53 8.64
C ASN D 102 -27.95 -26.11 8.13
N ASP D 103 -26.91 -26.81 8.58
CA ASP D 103 -25.55 -26.45 8.22
C ASP D 103 -25.30 -26.58 6.72
N ILE D 104 -25.93 -27.56 6.07
CA ILE D 104 -25.73 -27.72 4.64
C ILE D 104 -26.37 -26.58 3.87
N HIS D 105 -27.59 -26.18 4.27
CA HIS D 105 -28.26 -25.10 3.56
C HIS D 105 -27.60 -23.76 3.83
N TYR D 106 -27.13 -23.55 5.06
CA TYR D 106 -26.41 -22.32 5.37
C TYR D 106 -25.15 -22.20 4.54
N LYS D 107 -24.30 -23.23 4.57
CA LYS D 107 -23.02 -23.15 3.88
C LYS D 107 -23.22 -23.05 2.38
N PHE D 108 -24.20 -23.78 1.83
CA PHE D 108 -24.39 -23.76 0.37
C PHE D 108 -24.82 -22.38 -0.11
N HIS D 109 -25.80 -21.78 0.55
CA HIS D 109 -26.24 -20.45 0.11
C HIS D 109 -25.21 -19.38 0.45
N ASN D 110 -24.45 -19.59 1.52
CA ASN D 110 -23.30 -18.72 1.77
C ASN D 110 -22.33 -18.75 0.59
N ILE D 111 -22.00 -19.96 0.11
CA ILE D 111 -21.08 -20.11 -1.01
C ILE D 111 -21.64 -19.44 -2.25
N LEU D 112 -22.92 -19.66 -2.52
CA LEU D 112 -23.55 -19.15 -3.73
C LEU D 112 -23.51 -17.62 -3.77
N PHE D 113 -23.82 -16.98 -2.65
CA PHE D 113 -23.90 -15.52 -2.63
C PHE D 113 -22.57 -14.83 -2.37
N LEU D 114 -21.66 -15.46 -1.62
CA LEU D 114 -20.45 -14.77 -1.13
C LEU D 114 -19.13 -15.39 -1.59
N LYS D 115 -19.13 -16.62 -2.12
CA LYS D 115 -17.86 -17.29 -2.41
C LYS D 115 -17.90 -17.94 -3.77
N CYS D 116 -18.50 -17.26 -4.75
CA CYS D 116 -18.68 -17.84 -6.08
C CYS D 116 -18.66 -16.69 -7.09
N GLU D 117 -17.47 -16.17 -7.34
CA GLU D 117 -17.32 -14.95 -8.11
C GLU D 117 -17.52 -15.22 -9.60
N HIS D 118 -18.03 -14.22 -10.30
CA HIS D 118 -18.41 -14.37 -11.71
C HIS D 118 -17.24 -14.02 -12.61
N THR D 119 -16.21 -14.85 -12.54
CA THR D 119 -15.01 -14.75 -13.36
C THR D 119 -15.02 -15.84 -14.41
N GLU D 120 -14.10 -15.73 -15.38
CA GLU D 120 -13.98 -16.74 -16.42
C GLU D 120 -13.63 -18.11 -15.83
N GLN D 121 -12.85 -18.14 -14.76
CA GLN D 121 -12.50 -19.43 -14.16
C GLN D 121 -13.76 -20.15 -13.69
N ASN D 122 -14.76 -19.40 -13.21
CA ASN D 122 -15.99 -20.00 -12.69
C ASN D 122 -17.13 -20.01 -13.71
N ALA D 123 -16.84 -19.81 -15.01
CA ALA D 123 -17.93 -19.67 -15.98
C ALA D 123 -18.87 -20.87 -15.95
N ALA D 124 -18.31 -22.07 -15.79
CA ALA D 124 -19.13 -23.28 -15.87
C ALA D 124 -19.93 -23.49 -14.60
N VAL D 125 -19.36 -23.17 -13.44
CA VAL D 125 -20.13 -23.18 -12.21
C VAL D 125 -21.28 -22.18 -12.30
N ILE D 126 -21.02 -20.99 -12.86
CA ILE D 126 -22.07 -19.99 -12.99
C ILE D 126 -23.17 -20.49 -13.91
N ALA D 127 -22.81 -21.17 -14.98
CA ALA D 127 -23.82 -21.75 -15.87
C ALA D 127 -24.70 -22.75 -15.11
N ILE D 128 -24.07 -23.55 -14.24
CA ILE D 128 -24.82 -24.49 -13.41
C ILE D 128 -25.75 -23.75 -12.46
N ALA D 129 -25.26 -22.70 -11.80
CA ALA D 129 -26.13 -21.92 -10.92
C ALA D 129 -27.31 -21.33 -11.69
N ARG D 130 -27.05 -20.78 -12.88
CA ARG D 130 -28.13 -20.19 -13.67
C ARG D 130 -29.15 -21.23 -14.08
N LYS D 131 -28.71 -22.45 -14.36
CA LYS D 131 -29.64 -23.51 -14.73
C LYS D 131 -30.60 -23.81 -13.57
N HIS D 132 -30.10 -23.83 -12.34
CA HIS D 132 -30.98 -24.07 -11.20
C HIS D 132 -31.82 -22.86 -10.85
N GLN D 133 -31.32 -21.66 -11.08
CA GLN D 133 -32.15 -20.47 -10.90
C GLN D 133 -33.33 -20.50 -11.84
N ALA D 134 -33.10 -20.91 -13.09
CA ALA D 134 -34.18 -21.02 -14.07
C ALA D 134 -35.25 -21.99 -13.62
N ILE D 135 -34.85 -23.06 -12.93
CA ILE D 135 -35.80 -24.02 -12.41
C ILE D 135 -36.68 -23.38 -11.33
N TRP D 136 -36.08 -22.66 -10.39
CA TRP D 136 -36.88 -21.97 -9.38
C TRP D 136 -37.83 -20.97 -10.03
N ARG D 137 -37.39 -20.29 -11.10
CA ARG D 137 -38.27 -19.34 -11.80
C ARG D 137 -39.51 -20.04 -12.33
N GLU D 138 -39.33 -21.16 -13.03
CA GLU D 138 -40.47 -21.87 -13.59
C GLU D 138 -41.43 -22.35 -12.49
N LYS D 139 -40.87 -22.78 -11.36
CA LYS D 139 -41.74 -23.28 -10.29
C LYS D 139 -42.53 -22.15 -9.65
N ILE D 140 -41.89 -20.98 -9.48
CA ILE D 140 -42.61 -19.82 -8.97
C ILE D 140 -43.68 -19.39 -9.96
N THR D 141 -43.36 -19.41 -11.26
CA THR D 141 -44.35 -19.04 -12.26
C THR D 141 -45.54 -20.00 -12.23
N ALA D 142 -45.27 -21.30 -12.03
CA ALA D 142 -46.37 -22.27 -11.95
C ALA D 142 -47.22 -22.01 -10.72
N VAL D 143 -46.58 -21.67 -9.59
CA VAL D 143 -47.36 -21.32 -8.40
C VAL D 143 -48.25 -20.12 -8.67
N LEU D 144 -47.72 -19.10 -9.37
CA LEU D 144 -48.51 -17.91 -9.66
C LEU D 144 -49.69 -18.25 -10.58
N THR D 145 -49.47 -19.10 -11.59
CA THR D 145 -50.58 -19.48 -12.45
C THR D 145 -51.67 -20.18 -11.67
N GLU D 146 -51.28 -21.13 -10.80
CA GLU D 146 -52.25 -21.81 -9.95
C GLU D 146 -52.95 -20.84 -9.02
N ALA D 147 -52.24 -19.83 -8.52
CA ALA D 147 -52.86 -18.87 -7.60
C ALA D 147 -53.89 -18.02 -8.32
N VAL D 148 -53.64 -17.67 -9.57
CA VAL D 148 -54.61 -16.87 -10.32
C VAL D 148 -55.83 -17.72 -10.66
N GLU D 149 -55.60 -18.95 -11.14
CA GLU D 149 -56.70 -19.84 -11.48
C GLU D 149 -57.50 -20.24 -10.25
N ASN D 150 -56.88 -20.25 -9.07
CA ASN D 150 -57.56 -20.59 -7.82
C ASN D 150 -58.12 -19.35 -7.09
N GLN D 151 -58.08 -18.17 -7.72
CA GLN D 151 -58.62 -16.93 -7.18
C GLN D 151 -57.87 -16.41 -5.95
N ASP D 152 -56.63 -16.85 -5.75
CA ASP D 152 -55.79 -16.31 -4.68
C ASP D 152 -55.07 -15.04 -5.09
N LEU D 153 -54.90 -14.81 -6.39
CA LEU D 153 -54.30 -13.60 -6.94
C LEU D 153 -55.20 -13.09 -8.05
N ALA D 154 -55.12 -11.79 -8.31
CA ALA D 154 -56.00 -11.18 -9.30
C ALA D 154 -55.78 -11.80 -10.68
N ASP D 155 -56.86 -11.82 -11.47
CA ASP D 155 -56.79 -12.40 -12.81
C ASP D 155 -55.86 -11.61 -13.72
N ASP D 156 -55.71 -10.31 -13.49
CA ASP D 156 -54.80 -9.47 -14.27
C ASP D 156 -53.45 -9.26 -13.56
N LEU D 157 -53.04 -10.21 -12.70
CA LEU D 157 -51.70 -10.16 -12.13
C LEU D 157 -50.64 -10.23 -13.22
N ASP D 158 -49.64 -9.34 -13.15
CA ASP D 158 -48.52 -9.38 -14.07
C ASP D 158 -47.54 -10.43 -13.55
N LYS D 159 -47.67 -11.65 -14.08
CA LYS D 159 -46.86 -12.77 -13.59
C LYS D 159 -45.38 -12.56 -13.87
N GLU D 160 -45.03 -12.00 -15.03
CA GLU D 160 -43.62 -11.82 -15.37
C GLU D 160 -42.95 -10.86 -14.39
N THR D 161 -43.59 -9.71 -14.11
CA THR D 161 -43.02 -8.80 -13.13
C THR D 161 -43.09 -9.39 -11.73
N ALA D 162 -44.16 -10.13 -11.44
CA ALA D 162 -44.32 -10.69 -10.09
C ALA D 162 -43.18 -11.64 -9.75
N VAL D 163 -42.77 -12.49 -10.69
CA VAL D 163 -41.68 -13.43 -10.40
C VAL D 163 -40.36 -12.70 -10.19
N ILE D 164 -40.07 -11.68 -11.01
CA ILE D 164 -38.90 -10.84 -10.75
C ILE D 164 -39.01 -10.23 -9.37
N PHE D 165 -40.19 -9.72 -9.03
CA PHE D 165 -40.42 -9.13 -7.72
C PHE D 165 -40.17 -10.14 -6.60
N ILE D 166 -40.68 -11.37 -6.75
CA ILE D 166 -40.50 -12.37 -5.69
C ILE D 166 -39.03 -12.73 -5.54
N LYS D 167 -38.35 -13.03 -6.66
CA LYS D 167 -36.95 -13.43 -6.55
C LYS D 167 -36.07 -12.30 -6.04
N SER D 168 -36.31 -11.07 -6.51
CA SER D 168 -35.54 -9.93 -6.04
C SER D 168 -35.72 -9.75 -4.53
N THR D 169 -36.96 -9.89 -4.04
CA THR D 169 -37.22 -9.76 -2.60
C THR D 169 -36.45 -10.81 -1.82
N LEU D 170 -36.50 -12.08 -2.26
CA LEU D 170 -35.85 -13.16 -1.53
C LEU D 170 -34.33 -13.03 -1.60
N ASP D 171 -33.80 -12.77 -2.81
CA ASP D 171 -32.36 -12.63 -2.99
C ASP D 171 -31.80 -11.48 -2.16
N GLY D 172 -32.54 -10.37 -2.11
CA GLY D 172 -32.08 -9.23 -1.34
C GLY D 172 -31.94 -9.56 0.12
N LEU D 173 -32.87 -10.32 0.66
CA LEU D 173 -32.79 -10.70 2.06
C LEU D 173 -31.60 -11.62 2.31
N ILE D 174 -31.39 -12.59 1.43
CA ILE D 174 -30.27 -13.52 1.58
C ILE D 174 -28.95 -12.76 1.48
N TRP D 175 -28.79 -11.97 0.40
CA TRP D 175 -27.59 -11.15 0.23
C TRP D 175 -27.34 -10.27 1.44
N ARG D 176 -28.37 -9.53 1.88
CA ARG D 176 -28.24 -8.65 3.03
C ARG D 176 -27.76 -9.41 4.26
N TRP D 177 -28.35 -10.58 4.53
CA TRP D 177 -28.00 -11.33 5.73
C TRP D 177 -26.56 -11.83 5.68
N PHE D 178 -26.19 -12.49 4.58
CA PHE D 178 -24.83 -13.01 4.45
C PHE D 178 -23.81 -11.88 4.35
N SER D 179 -24.07 -10.88 3.50
CA SER D 179 -23.05 -9.87 3.26
C SER D 179 -22.77 -9.04 4.51
N SER D 180 -23.78 -8.88 5.37
CA SER D 180 -23.63 -8.17 6.64
C SER D 180 -22.98 -9.02 7.73
N GLY D 181 -22.61 -10.27 7.43
CA GLY D 181 -22.14 -11.13 8.50
C GLY D 181 -23.24 -11.55 9.45
N GLU D 182 -24.46 -11.75 8.94
CA GLU D 182 -25.61 -12.15 9.74
C GLU D 182 -25.84 -11.17 10.91
N SER D 183 -25.80 -9.88 10.59
CA SER D 183 -25.84 -8.86 11.64
C SER D 183 -27.24 -8.54 12.12
N PHE D 184 -28.26 -9.22 11.62
CA PHE D 184 -29.61 -9.05 12.13
C PHE D 184 -30.26 -10.42 12.29
N ASP D 185 -31.32 -10.45 13.10
CA ASP D 185 -32.02 -11.68 13.41
C ASP D 185 -32.86 -12.09 12.20
N LEU D 186 -32.40 -13.10 11.45
CA LEU D 186 -33.15 -13.55 10.27
C LEU D 186 -34.48 -14.19 10.66
N GLY D 187 -34.52 -14.85 11.82
CA GLY D 187 -35.76 -15.48 12.27
C GLY D 187 -36.88 -14.49 12.51
N LYS D 188 -36.53 -13.25 12.90
CA LYS D 188 -37.53 -12.22 13.08
C LYS D 188 -37.73 -11.38 11.82
N THR D 189 -36.68 -11.23 11.00
CA THR D 189 -36.75 -10.36 9.83
C THR D 189 -37.41 -11.06 8.64
N ALA D 190 -37.07 -12.32 8.39
CA ALA D 190 -37.59 -12.98 7.20
C ALA D 190 -39.12 -13.08 7.18
N PRO D 191 -39.80 -13.45 8.28
CA PRO D 191 -41.27 -13.51 8.21
C PRO D 191 -41.94 -12.17 7.93
N ARG D 192 -41.37 -11.07 8.43
CA ARG D 192 -41.95 -9.75 8.17
C ARG D 192 -41.84 -9.38 6.70
N ILE D 193 -40.65 -9.57 6.12
CA ILE D 193 -40.44 -9.29 4.71
C ILE D 193 -41.30 -10.19 3.83
N ILE D 194 -41.42 -11.47 4.17
CA ILE D 194 -42.27 -12.36 3.38
C ILE D 194 -43.72 -11.92 3.47
N GLY D 195 -44.18 -11.58 4.68
CA GLY D 195 -45.56 -11.14 4.84
C GLY D 195 -45.88 -9.93 3.99
N ILE D 196 -44.96 -8.95 3.97
CA ILE D 196 -45.13 -7.77 3.13
C ILE D 196 -45.15 -8.13 1.66
N MET D 197 -44.23 -8.99 1.23
CA MET D 197 -44.19 -9.44 -0.16
C MET D 197 -45.53 -10.07 -0.57
N MET D 198 -46.08 -10.93 0.30
CA MET D 198 -47.31 -11.62 -0.05
C MET D 198 -48.48 -10.65 -0.11
N ASP D 199 -48.50 -9.68 0.80
CA ASP D 199 -49.51 -8.62 0.74
C ASP D 199 -49.44 -7.87 -0.58
N ASN D 200 -48.22 -7.50 -0.99
CA ASN D 200 -48.06 -6.75 -2.24
C ASN D 200 -48.53 -7.58 -3.44
N LEU D 201 -48.17 -8.86 -3.47
CA LEU D 201 -48.61 -9.72 -4.57
C LEU D 201 -50.13 -9.74 -4.67
N GLU D 202 -50.80 -9.73 -3.53
CA GLU D 202 -52.25 -9.80 -3.49
C GLU D 202 -52.92 -8.46 -3.76
N ASN D 203 -52.32 -7.34 -3.34
CA ASN D 203 -53.03 -6.07 -3.31
C ASN D 203 -52.38 -4.95 -4.13
N HIS D 204 -51.07 -4.93 -4.32
CA HIS D 204 -50.47 -3.71 -4.88
C HIS D 204 -50.76 -3.59 -6.37
N PRO D 205 -51.23 -2.42 -6.82
CA PRO D 205 -51.58 -2.26 -8.25
C PRO D 205 -50.42 -2.27 -9.21
N CYS D 206 -49.18 -1.99 -8.78
CA CYS D 206 -48.04 -2.05 -9.69
C CYS D 206 -47.75 -3.46 -10.18
N LEU D 207 -48.30 -4.47 -9.54
CA LEU D 207 -48.11 -5.85 -9.97
C LEU D 207 -49.29 -6.36 -10.80
N ARG D 208 -50.17 -5.46 -11.29
CA ARG D 208 -51.32 -5.81 -12.13
C ARG D 208 -51.16 -5.43 -13.60
N ARG D 209 -49.95 -5.54 -14.16
CA ARG D 209 -49.68 -5.22 -15.57
C ARG D 209 -50.44 -3.97 -16.09
P PO4 E . 20.34 21.60 3.87
O1 PO4 E . 21.43 22.44 3.27
O2 PO4 E . 20.96 20.40 4.53
O3 PO4 E . 19.37 21.15 2.80
O4 PO4 E . 19.62 22.41 4.92
P PO4 F . 31.40 -2.51 -0.67
O1 PO4 F . 32.50 -1.92 -1.53
O2 PO4 F . 31.82 -3.90 -0.27
O3 PO4 F . 30.11 -2.53 -1.46
O4 PO4 F . 31.20 -1.70 0.58
P PO4 G . 39.34 -2.02 37.11
O1 PO4 G . 40.09 -3.15 36.44
O2 PO4 G . 40.28 -0.87 37.32
O3 PO4 G . 38.18 -1.60 36.24
O4 PO4 G . 38.81 -2.49 38.44
P PO4 H . 29.40 -12.88 33.52
O1 PO4 H . 30.78 -13.46 33.32
O2 PO4 H . 28.42 -13.62 32.63
O3 PO4 H . 29.41 -11.42 33.15
O4 PO4 H . 28.97 -13.02 34.96
P PO4 I . -24.97 -2.67 7.43
O1 PO4 I . -24.82 -3.51 6.18
O2 PO4 I . -23.94 -1.57 7.41
O3 PO4 I . -26.36 -2.06 7.46
O4 PO4 I . -24.80 -3.55 8.65
P PO4 J . -33.81 -16.45 -13.91
O1 PO4 J . -34.05 -17.46 -15.02
O2 PO4 J . -33.99 -17.13 -12.57
O3 PO4 J . -34.81 -15.33 -14.04
O4 PO4 J . -32.40 -15.92 -14.02
#